data_5BNO
#
_entry.id   5BNO
#
_cell.length_a   325.700
_cell.length_b   347.400
_cell.length_c   356.500
_cell.angle_alpha   90.000
_cell.angle_beta   90.000
_cell.angle_gamma   90.000
#
_symmetry.space_group_name_H-M   'I 2 2 2'
#
loop_
_entity.id
_entity.type
_entity.pdbx_description
1 polymer 'Capsid protein VP1'
2 polymer 'Capsid protein VP2'
3 polymer 'Capsid protein VP3'
4 polymer 'Capsid protein VP4'
5 branched 'N-acetyl-alpha-neuraminic acid-(2-6)-beta-D-galactopyranose-(1-4)-2-acetamido-2-deoxy-beta-D-glucopyranose'
6 water water
#
loop_
_entity_poly.entity_id
_entity_poly.type
_entity_poly.pdbx_seq_one_letter_code
_entity_poly.pdbx_strand_id
1 'polypeptide(L)'
;VESIIKTATDTVKSEINAELGVVPSLNAVETGATSNTEPEEAIQTRTVINQHGVSETLVENFLGRAALVSKKSFEYKNHA
SSSAGTHKNFFKWTINTKSFVQLRRKLELFTYLRFDAEITILTTVAVNGNNDSTYMGLPDLTLQAMFVPTGALTPKEQDS
FHWQSGSNASVFFKISDPPARMTIPFMCINSAYSVFYDGFAGFEKNGLYGINPADTIGNLCVRIVNEHQPVGFTVTVRVY
MKPKHIKAWAPRPPRTMPYMSIANANYKGRDTAPNTLNAIIGNRASVTTMPHNIVTT
;
A
2 'polypeptide(L)'
;SPSAEACGYSDRVLQLKLGNSAIVTQEAANYCCAYGEWPNYLPDHEAVAIDKPTQPETSTDRFYTLRSVKWESNSTGWWW
KLPDALNNIGMFGQNVQYHYLYRSGFLIHVQCNATKFHQGALLVVAIPEHQRGAHDTTTSPGFNDIMKGERGGTFNHPYV
LDDGTSIACATIFPHQWINLRTNNSATIVLPWMNVAPMDFPLRHNQWTLAVIPVVPLGTRTMSSVVPITVSIAPMCCEFN
GLRHAITQ
;
B
3 'polypeptide(L)'
;GVPTYLLPGSGQFLTTDDHSSAPVLPCFNPTPEMHIPGQIRNMLEMIQVESMMEINNTDGANGMERLRVDISVQADLDQL
LFNIPLDIQLDGPLRNTLVGNISRYYTHWSGSLEMTFMFCGSFMATGKLILCYTPPGGSCPTTRETAMLGTHIVWDFGLQ
SSITLIIPWISGSHYRMFNSDAKSTNANVGYVTCFMQTNLIVPSESSDTCSLIGFIAAKDDFSLRLMRDSPDIGQSNHLH
GAEAAYQ
;
C
4 'polypeptide(L)' GAQVTRQQTGTHENANIATNGSHITYNQINFYKDSYAASASKQDFSQDPSKFTEPVVEGLKAGAPVLK D
#
loop_
_chem_comp.id
_chem_comp.type
_chem_comp.name
_chem_comp.formula
GAL D-saccharide, beta linking beta-D-galactopyranose 'C6 H12 O6'
NAG D-saccharide, beta linking 2-acetamido-2-deoxy-beta-D-glucopyranose 'C8 H15 N O6'
SIA D-saccharide, alpha linking 'N-acetyl-alpha-neuraminic acid' 'C11 H19 N O9'
#
# COMPACT_ATOMS: atom_id res chain seq x y z
N VAL A 1 -7.73 -18.82 11.38
CA VAL A 1 -7.05 -17.49 11.36
C VAL A 1 -8.05 -16.34 11.31
N GLU A 2 -9.11 -16.51 10.51
CA GLU A 2 -10.13 -15.48 10.42
C GLU A 2 -11.04 -15.49 11.64
N SER A 3 -11.46 -14.31 12.08
CA SER A 3 -12.33 -14.20 13.23
C SER A 3 -13.02 -12.84 13.30
N ILE A 4 -14.00 -12.72 14.18
CA ILE A 4 -14.72 -11.48 14.35
C ILE A 4 -14.09 -10.65 15.46
N ILE A 5 -13.63 -9.45 15.11
CA ILE A 5 -12.99 -8.56 16.07
C ILE A 5 -13.81 -7.28 16.21
N LYS A 6 -14.28 -7.01 17.42
CA LYS A 6 -15.08 -5.81 17.67
C LYS A 6 -14.40 -4.82 18.63
N THR A 7 -13.35 -5.27 19.30
CA THR A 7 -12.59 -4.40 20.22
C THR A 7 -11.13 -4.80 20.20
N ALA A 8 -10.25 -3.91 20.67
CA ALA A 8 -8.83 -4.21 20.72
C ALA A 8 -8.65 -5.36 21.72
N THR A 9 -7.65 -6.21 21.48
CA THR A 9 -7.43 -7.36 22.36
C THR A 9 -7.04 -7.01 23.80
N ASP A 10 -7.48 -7.86 24.73
CA ASP A 10 -7.18 -7.65 26.14
C ASP A 10 -5.74 -8.04 26.43
N THR A 11 -5.28 -7.67 27.61
CA THR A 11 -3.93 -8.01 28.03
C THR A 11 -4.05 -8.93 29.24
N VAL A 12 -3.22 -9.96 29.29
CA VAL A 12 -3.24 -10.90 30.40
C VAL A 12 -2.01 -10.62 31.25
N LYS A 13 -2.13 -10.77 32.57
CA LYS A 13 -0.99 -10.54 33.45
C LYS A 13 0.06 -11.60 33.15
N SER A 14 1.34 -11.25 33.29
CA SER A 14 2.41 -12.19 33.03
C SER A 14 3.41 -12.19 34.16
N GLU A 15 4.08 -13.33 34.34
CA GLU A 15 5.07 -13.49 35.40
C GLU A 15 6.48 -13.43 34.88
N ILE A 16 7.44 -13.67 35.77
CA ILE A 16 8.85 -13.69 35.44
C ILE A 16 9.14 -14.90 34.56
N ASN A 17 10.04 -14.75 33.59
CA ASN A 17 10.41 -15.84 32.70
C ASN A 17 11.91 -16.08 32.74
N ALA A 18 12.29 -17.36 32.80
CA ALA A 18 13.69 -17.75 32.81
C ALA A 18 13.72 -19.19 32.29
N GLU A 19 13.25 -19.37 31.06
CA GLU A 19 13.21 -20.69 30.46
C GLU A 19 14.20 -20.91 29.31
N LEU A 20 15.00 -21.96 29.44
CA LEU A 20 15.96 -22.31 28.41
C LEU A 20 15.22 -22.75 27.16
N GLY A 21 15.73 -22.38 26.00
CA GLY A 21 15.09 -22.79 24.76
C GLY A 21 13.89 -21.97 24.33
N VAL A 22 13.49 -21.02 25.17
CA VAL A 22 12.35 -20.16 24.88
C VAL A 22 12.82 -18.70 24.79
N VAL A 23 12.75 -18.13 23.59
CA VAL A 23 13.19 -16.76 23.37
C VAL A 23 12.18 -16.00 22.51
N PRO A 24 11.03 -15.68 23.08
CA PRO A 24 9.98 -14.95 22.37
C PRO A 24 10.36 -13.59 21.77
N SER A 25 11.35 -12.92 22.34
CA SER A 25 11.73 -11.62 21.80
C SER A 25 12.62 -11.70 20.57
N LEU A 26 13.15 -12.89 20.28
CA LEU A 26 13.98 -13.08 19.09
C LEU A 26 13.07 -13.47 17.92
N ASN A 27 13.37 -12.96 16.73
CA ASN A 27 12.59 -13.25 15.55
C ASN A 27 13.52 -13.34 14.36
N ALA A 28 12.95 -13.59 13.18
CA ALA A 28 13.72 -13.68 11.95
C ALA A 28 12.98 -12.92 10.85
N VAL A 29 13.30 -11.64 10.71
CA VAL A 29 12.68 -10.81 9.70
C VAL A 29 12.76 -11.41 8.29
N GLU A 30 13.81 -12.17 8.03
CA GLU A 30 14.00 -12.79 6.71
C GLU A 30 12.83 -13.65 6.24
N THR A 31 12.08 -14.24 7.16
CA THR A 31 10.96 -15.10 6.78
C THR A 31 9.84 -14.31 6.11
N GLY A 32 9.82 -12.99 6.31
CA GLY A 32 8.78 -12.17 5.73
C GLY A 32 7.60 -11.98 6.67
N ALA A 33 7.63 -12.68 7.80
CA ALA A 33 6.56 -12.57 8.78
C ALA A 33 6.89 -11.45 9.75
N THR A 34 5.87 -10.78 10.25
CA THR A 34 6.06 -9.72 11.22
C THR A 34 6.27 -10.37 12.59
N SER A 35 7.06 -9.72 13.44
CA SER A 35 7.34 -10.23 14.77
C SER A 35 6.06 -10.67 15.49
N ASN A 36 6.11 -11.81 16.18
CA ASN A 36 4.93 -12.28 16.91
C ASN A 36 5.13 -12.15 18.42
N THR A 37 6.15 -11.40 18.83
CA THR A 37 6.43 -11.19 20.25
C THR A 37 5.25 -10.46 20.88
N GLU A 38 4.68 -11.02 21.94
CA GLU A 38 3.55 -10.38 22.61
C GLU A 38 4.05 -9.56 23.78
N PRO A 39 3.29 -8.51 24.16
CA PRO A 39 3.70 -7.66 25.29
C PRO A 39 3.94 -8.51 26.54
N GLU A 40 3.07 -9.50 26.76
CA GLU A 40 3.17 -10.39 27.91
C GLU A 40 4.51 -11.13 27.97
N GLU A 41 5.15 -11.32 26.82
CA GLU A 41 6.42 -12.03 26.74
C GLU A 41 7.64 -11.10 26.81
N ALA A 42 7.42 -9.82 26.55
CA ALA A 42 8.51 -8.84 26.56
C ALA A 42 8.72 -8.21 27.93
N ILE A 43 7.62 -8.04 28.65
CA ILE A 43 7.66 -7.42 29.98
C ILE A 43 6.62 -8.08 30.86
N GLN A 44 6.59 -7.70 32.13
CA GLN A 44 5.57 -8.21 33.02
C GLN A 44 4.38 -7.28 32.85
N THR A 45 3.25 -7.85 32.48
CA THR A 45 2.03 -7.08 32.26
C THR A 45 1.00 -7.37 33.33
N ARG A 46 -0.01 -6.51 33.39
CA ARG A 46 -1.12 -6.69 34.32
C ARG A 46 -2.28 -7.13 33.42
N THR A 47 -3.42 -7.45 34.02
CA THR A 47 -4.58 -7.83 33.24
C THR A 47 -5.34 -6.56 32.88
N VAL A 48 -5.74 -6.45 31.62
CA VAL A 48 -6.50 -5.29 31.15
C VAL A 48 -7.64 -5.74 30.25
N ILE A 49 -8.87 -5.40 30.63
CA ILE A 49 -10.01 -5.75 29.81
C ILE A 49 -10.18 -4.54 28.91
N ASN A 50 -9.71 -4.65 27.68
CA ASN A 50 -9.75 -3.55 26.72
C ASN A 50 -11.11 -3.43 26.01
N GLN A 51 -11.76 -2.28 26.17
CA GLN A 51 -13.06 -2.06 25.55
C GLN A 51 -12.99 -1.11 24.34
N HIS A 52 -11.79 -0.77 23.90
CA HIS A 52 -11.66 0.14 22.76
C HIS A 52 -12.21 -0.48 21.48
N GLY A 53 -13.12 0.24 20.85
CA GLY A 53 -13.73 -0.23 19.61
C GLY A 53 -12.80 -0.13 18.41
N VAL A 54 -13.11 -0.86 17.36
CA VAL A 54 -12.30 -0.85 16.15
C VAL A 54 -13.14 -0.55 14.92
N SER A 55 -14.35 -0.04 15.12
CA SER A 55 -15.21 0.22 13.98
C SER A 55 -14.86 1.41 13.10
N GLU A 56 -14.20 2.44 13.65
CA GLU A 56 -13.88 3.59 12.81
C GLU A 56 -12.83 3.29 11.75
N THR A 57 -12.13 2.17 11.89
CA THR A 57 -11.12 1.79 10.91
C THR A 57 -11.61 0.73 9.93
N LEU A 58 -12.90 0.40 9.99
CA LEU A 58 -13.48 -0.55 9.05
C LEU A 58 -13.30 0.06 7.67
N VAL A 59 -12.94 -0.75 6.68
CA VAL A 59 -12.75 -0.23 5.34
C VAL A 59 -13.96 0.57 4.84
N GLU A 60 -15.15 0.08 5.14
CA GLU A 60 -16.37 0.76 4.72
C GLU A 60 -16.39 2.20 5.24
N ASN A 61 -15.93 2.39 6.47
CA ASN A 61 -15.92 3.74 7.02
C ASN A 61 -14.72 4.55 6.55
N PHE A 62 -13.56 3.90 6.46
CA PHE A 62 -12.34 4.57 6.02
C PHE A 62 -12.52 5.21 4.64
N LEU A 63 -13.13 4.47 3.72
CA LEU A 63 -13.35 4.99 2.37
C LEU A 63 -14.75 5.59 2.20
N GLY A 64 -15.63 5.31 3.16
CA GLY A 64 -16.99 5.80 3.09
C GLY A 64 -17.18 7.27 3.43
N ARG A 65 -16.71 8.13 2.55
CA ARG A 65 -16.83 9.56 2.73
C ARG A 65 -17.00 10.23 1.38
N ALA A 66 -17.88 11.22 1.30
CA ALA A 66 -18.11 11.92 0.05
C ALA A 66 -16.95 12.87 -0.18
N ALA A 67 -16.08 12.55 -1.13
CA ALA A 67 -14.92 13.39 -1.41
C ALA A 67 -15.06 14.09 -2.76
N LEU A 68 -14.53 15.30 -2.85
CA LEU A 68 -14.59 16.06 -4.09
C LEU A 68 -13.79 15.35 -5.17
N VAL A 69 -14.41 15.13 -6.33
CA VAL A 69 -13.71 14.48 -7.44
C VAL A 69 -13.69 15.35 -8.68
N SER A 70 -14.54 16.39 -8.70
CA SER A 70 -14.60 17.29 -9.84
C SER A 70 -15.10 18.68 -9.48
N LYS A 71 -14.43 19.69 -10.01
CA LYS A 71 -14.81 21.08 -9.78
C LYS A 71 -14.65 21.82 -11.09
N LYS A 72 -15.75 22.33 -11.63
CA LYS A 72 -15.69 23.02 -12.90
C LYS A 72 -16.47 24.33 -12.93
N SER A 73 -15.78 25.42 -13.27
CA SER A 73 -16.40 26.73 -13.36
C SER A 73 -16.48 27.10 -14.83
N PHE A 74 -17.61 27.67 -15.25
CA PHE A 74 -17.76 28.10 -16.63
C PHE A 74 -18.67 29.31 -16.66
N GLU A 75 -18.68 30.01 -17.79
CA GLU A 75 -19.51 31.20 -17.93
C GLU A 75 -20.85 30.88 -18.54
N TYR A 76 -21.91 31.33 -17.88
CA TYR A 76 -23.27 31.14 -18.35
C TYR A 76 -23.67 32.48 -18.93
N LYS A 77 -23.72 32.55 -20.26
CA LYS A 77 -24.06 33.79 -20.94
C LYS A 77 -24.30 33.53 -22.42
N ASN A 78 -24.48 34.62 -23.17
CA ASN A 78 -24.68 34.52 -24.61
C ASN A 78 -23.27 34.35 -25.18
N HIS A 79 -22.97 33.16 -25.68
CA HIS A 79 -21.64 32.88 -26.24
C HIS A 79 -21.55 33.15 -27.73
N ALA A 80 -22.37 34.08 -28.22
CA ALA A 80 -22.37 34.41 -29.65
C ALA A 80 -20.93 34.45 -30.18
N SER A 81 -20.08 35.20 -29.50
CA SER A 81 -18.69 35.30 -29.91
C SER A 81 -17.77 34.58 -28.91
N THR A 86 -13.60 26.90 -24.85
CA THR A 86 -14.55 27.52 -23.94
C THR A 86 -15.80 26.68 -23.75
N HIS A 87 -16.30 26.64 -22.53
CA HIS A 87 -17.50 25.88 -22.20
C HIS A 87 -18.73 26.77 -22.38
N LYS A 88 -19.39 26.60 -23.52
CA LYS A 88 -20.56 27.39 -23.86
C LYS A 88 -21.85 26.95 -23.19
N ASN A 89 -21.98 27.26 -21.90
CA ASN A 89 -23.16 26.95 -21.12
C ASN A 89 -23.31 25.46 -20.79
N PHE A 90 -22.23 24.71 -20.95
CA PHE A 90 -22.23 23.28 -20.64
C PHE A 90 -20.80 22.75 -20.73
N PHE A 91 -20.58 21.58 -20.15
CA PHE A 91 -19.25 20.96 -20.22
C PHE A 91 -19.40 19.45 -20.15
N LYS A 92 -18.31 18.78 -20.49
CA LYS A 92 -18.27 17.32 -20.47
C LYS A 92 -17.07 16.93 -19.61
N TRP A 93 -17.28 15.99 -18.69
CA TRP A 93 -16.18 15.55 -17.84
C TRP A 93 -16.01 14.03 -17.87
N THR A 94 -14.84 13.57 -18.30
CA THR A 94 -14.57 12.13 -18.30
C THR A 94 -14.30 11.80 -16.84
N ILE A 95 -15.21 11.06 -16.23
CA ILE A 95 -15.08 10.71 -14.82
C ILE A 95 -13.76 10.01 -14.51
N ASN A 96 -13.15 10.41 -13.39
CA ASN A 96 -11.91 9.81 -12.94
C ASN A 96 -11.75 10.20 -11.48
N THR A 97 -11.00 9.41 -10.73
CA THR A 97 -10.79 9.66 -9.32
C THR A 97 -9.33 10.00 -9.04
N LYS A 98 -8.65 10.54 -10.04
CA LYS A 98 -7.23 10.87 -9.91
C LYS A 98 -6.89 12.36 -9.88
N SER A 99 -7.89 13.23 -9.98
CA SER A 99 -7.65 14.67 -10.02
C SER A 99 -7.46 15.36 -8.67
N PHE A 100 -8.12 14.88 -7.64
CA PHE A 100 -7.99 15.48 -6.30
C PHE A 100 -7.23 14.51 -5.42
N VAL A 101 -6.09 14.97 -4.93
CA VAL A 101 -5.19 14.14 -4.15
C VAL A 101 -5.63 13.46 -2.86
N GLN A 102 -6.54 14.07 -2.13
CA GLN A 102 -6.97 13.42 -0.89
C GLN A 102 -7.70 12.11 -1.15
N LEU A 103 -8.67 12.12 -2.07
CA LEU A 103 -9.38 10.88 -2.39
C LEU A 103 -8.43 9.92 -3.09
N ARG A 104 -7.66 10.43 -4.04
CA ARG A 104 -6.74 9.57 -4.78
C ARG A 104 -5.78 8.77 -3.91
N ARG A 105 -5.11 9.44 -2.97
CA ARG A 105 -4.16 8.74 -2.11
C ARG A 105 -4.82 7.63 -1.30
N LYS A 106 -6.03 7.88 -0.80
CA LYS A 106 -6.72 6.86 -0.02
C LYS A 106 -7.10 5.65 -0.86
N LEU A 107 -7.65 5.89 -2.05
CA LEU A 107 -8.02 4.78 -2.92
C LEU A 107 -6.77 3.99 -3.30
N GLU A 108 -5.66 4.71 -3.50
CA GLU A 108 -4.42 4.05 -3.89
C GLU A 108 -3.71 3.30 -2.75
N LEU A 109 -4.37 3.20 -1.60
CA LEU A 109 -3.81 2.44 -0.49
C LEU A 109 -4.20 0.98 -0.75
N PHE A 110 -4.96 0.75 -1.81
CA PHE A 110 -5.43 -0.58 -2.17
C PHE A 110 -5.14 -0.90 -3.63
N THR A 111 -5.04 -2.20 -3.95
CA THR A 111 -4.78 -2.61 -5.31
C THR A 111 -6.09 -2.75 -6.09
N TYR A 112 -7.06 -3.42 -5.49
CA TYR A 112 -8.36 -3.61 -6.12
C TYR A 112 -9.46 -3.14 -5.17
N LEU A 113 -10.53 -2.60 -5.75
CA LEU A 113 -11.66 -2.11 -4.96
C LEU A 113 -12.97 -2.38 -5.69
N ARG A 114 -13.96 -2.84 -4.93
CA ARG A 114 -15.28 -3.09 -5.48
C ARG A 114 -16.24 -2.25 -4.65
N PHE A 115 -16.97 -1.35 -5.31
CA PHE A 115 -17.89 -0.50 -4.58
C PHE A 115 -18.90 0.19 -5.47
N ASP A 116 -20.01 0.60 -4.86
CA ASP A 116 -21.05 1.35 -5.56
C ASP A 116 -20.68 2.79 -5.24
N ALA A 117 -21.01 3.71 -6.13
CA ALA A 117 -20.63 5.09 -5.91
C ALA A 117 -21.78 6.09 -5.81
N GLU A 118 -21.92 6.69 -4.64
CA GLU A 118 -22.95 7.69 -4.42
C GLU A 118 -22.40 9.01 -4.95
N ILE A 119 -23.10 9.60 -5.90
CA ILE A 119 -22.69 10.85 -6.52
C ILE A 119 -23.56 12.00 -6.03
N THR A 120 -22.93 13.08 -5.58
CA THR A 120 -23.64 14.26 -5.10
C THR A 120 -23.12 15.44 -5.92
N ILE A 121 -24.05 16.25 -6.46
CA ILE A 121 -23.67 17.38 -7.30
C ILE A 121 -24.10 18.72 -6.69
N LEU A 122 -23.12 19.55 -6.37
CA LEU A 122 -23.33 20.86 -5.76
C LEU A 122 -23.06 21.99 -6.76
N THR A 123 -24.01 22.92 -6.86
CA THR A 123 -23.90 24.04 -7.79
C THR A 123 -23.96 25.42 -7.13
N THR A 124 -23.07 26.32 -7.52
CA THR A 124 -23.06 27.68 -6.99
C THR A 124 -22.95 28.67 -8.14
N VAL A 125 -23.48 29.87 -7.97
CA VAL A 125 -23.43 30.87 -9.02
C VAL A 125 -23.05 32.25 -8.50
N ALA A 126 -22.45 33.05 -9.38
CA ALA A 126 -22.05 34.41 -9.04
C ALA A 126 -22.24 35.30 -10.26
N VAL A 127 -22.72 36.51 -10.04
CA VAL A 127 -22.95 37.46 -11.11
C VAL A 127 -21.61 38.04 -11.56
N ASN A 128 -21.45 38.25 -12.86
CA ASN A 128 -20.21 38.82 -13.37
C ASN A 128 -20.22 40.34 -13.17
N TYR A 135 -24.90 44.15 -9.39
CA TYR A 135 -25.60 43.02 -8.81
C TYR A 135 -27.11 43.25 -8.80
N MET A 136 -27.87 42.25 -9.28
CA MET A 136 -29.32 42.34 -9.32
C MET A 136 -29.96 41.04 -8.84
N GLY A 137 -29.17 40.18 -8.19
CA GLY A 137 -29.69 38.92 -7.69
C GLY A 137 -29.19 37.67 -8.42
N LEU A 138 -29.33 36.51 -7.78
CA LEU A 138 -28.88 35.24 -8.35
C LEU A 138 -30.04 34.39 -8.89
N PRO A 139 -29.99 34.03 -10.18
CA PRO A 139 -31.04 33.22 -10.82
C PRO A 139 -31.06 31.78 -10.33
N ASP A 140 -32.27 31.24 -10.16
CA ASP A 140 -32.42 29.86 -9.72
C ASP A 140 -32.52 28.99 -10.96
N LEU A 141 -31.35 28.69 -11.55
CA LEU A 141 -31.27 27.91 -12.76
C LEU A 141 -31.53 26.42 -12.62
N THR A 142 -31.93 25.81 -13.73
CA THR A 142 -32.16 24.37 -13.78
C THR A 142 -31.00 23.81 -14.58
N LEU A 143 -30.35 22.77 -14.06
CA LEU A 143 -29.25 22.13 -14.75
C LEU A 143 -29.61 20.71 -15.08
N GLN A 144 -28.91 20.14 -16.06
CA GLN A 144 -29.13 18.77 -16.46
C GLN A 144 -27.77 18.07 -16.47
N ALA A 145 -27.67 16.96 -15.75
CA ALA A 145 -26.44 16.17 -15.71
C ALA A 145 -26.80 14.84 -16.36
N MET A 146 -26.22 14.57 -17.52
CA MET A 146 -26.49 13.34 -18.23
C MET A 146 -25.29 12.40 -18.20
N PHE A 147 -25.54 11.16 -17.81
CA PHE A 147 -24.49 10.15 -17.75
C PHE A 147 -24.35 9.52 -19.14
N VAL A 148 -23.20 9.73 -19.76
CA VAL A 148 -22.92 9.17 -21.08
C VAL A 148 -21.77 8.18 -20.94
N PRO A 149 -22.03 6.89 -21.22
CA PRO A 149 -21.02 5.83 -21.12
C PRO A 149 -19.68 6.13 -21.79
N THR A 150 -18.71 5.27 -21.46
CA THR A 150 -17.33 5.35 -21.98
C THR A 150 -17.22 5.66 -23.46
N GLY A 151 -16.44 6.71 -23.77
CA GLY A 151 -16.24 7.12 -25.14
C GLY A 151 -17.50 7.24 -25.97
N ALA A 152 -18.66 7.21 -25.32
CA ALA A 152 -19.95 7.30 -26.00
C ALA A 152 -20.22 8.72 -26.51
N LEU A 153 -21.28 8.86 -27.29
CA LEU A 153 -21.66 10.14 -27.90
C LEU A 153 -22.12 11.25 -26.95
N THR A 154 -21.33 12.32 -26.86
CA THR A 154 -21.65 13.44 -25.97
C THR A 154 -22.16 14.65 -26.77
N PRO A 155 -22.96 15.52 -26.13
CA PRO A 155 -23.51 16.71 -26.77
C PRO A 155 -22.41 17.69 -27.16
N LYS A 156 -22.65 18.46 -28.22
CA LYS A 156 -21.67 19.44 -28.68
C LYS A 156 -22.17 20.87 -28.54
N GLU A 157 -23.44 21.02 -28.16
CA GLU A 157 -24.05 22.33 -27.98
C GLU A 157 -24.99 22.30 -26.78
N GLN A 158 -25.20 23.46 -26.16
CA GLN A 158 -26.09 23.54 -25.02
C GLN A 158 -27.48 23.06 -25.40
N ASP A 159 -27.84 23.24 -26.66
CA ASP A 159 -29.16 22.83 -27.11
C ASP A 159 -29.23 21.72 -28.15
N SER A 160 -28.24 20.84 -28.21
CA SER A 160 -28.30 19.79 -29.22
C SER A 160 -29.38 18.77 -28.85
N PHE A 161 -29.77 17.96 -29.83
CA PHE A 161 -30.80 16.94 -29.64
C PHE A 161 -30.35 15.87 -28.66
N HIS A 162 -29.04 15.71 -28.52
CA HIS A 162 -28.50 14.70 -27.63
C HIS A 162 -29.03 14.78 -26.22
N TRP A 163 -29.39 15.98 -25.79
CA TRP A 163 -29.92 16.16 -24.44
C TRP A 163 -31.30 15.55 -24.25
N GLN A 164 -31.92 15.05 -25.32
CA GLN A 164 -33.24 14.45 -25.17
C GLN A 164 -33.15 13.21 -24.29
N SER A 165 -31.93 12.72 -24.10
CA SER A 165 -31.65 11.58 -23.21
C SER A 165 -32.69 10.46 -23.23
N GLY A 166 -32.87 9.82 -24.39
CA GLY A 166 -33.84 8.76 -24.50
C GLY A 166 -33.54 7.52 -23.67
N SER A 167 -32.26 7.20 -23.52
CA SER A 167 -31.85 6.03 -22.74
C SER A 167 -30.84 6.38 -21.66
N ASN A 168 -29.96 7.34 -21.95
CA ASN A 168 -28.97 7.78 -20.97
C ASN A 168 -29.75 8.28 -19.76
N ALA A 169 -29.15 8.12 -18.58
CA ALA A 169 -29.80 8.62 -17.37
C ALA A 169 -29.46 10.10 -17.27
N SER A 170 -30.46 10.92 -16.98
CA SER A 170 -30.25 12.35 -16.80
C SER A 170 -30.92 12.78 -15.52
N VAL A 171 -30.30 13.72 -14.81
CA VAL A 171 -30.91 14.22 -13.59
C VAL A 171 -31.02 15.74 -13.76
N PHE A 172 -32.24 16.25 -13.56
CA PHE A 172 -32.50 17.69 -13.66
C PHE A 172 -32.66 18.21 -12.24
N PHE A 173 -31.96 19.29 -11.92
CA PHE A 173 -32.01 19.86 -10.58
C PHE A 173 -31.88 21.38 -10.62
N LYS A 174 -32.40 22.02 -9.57
CA LYS A 174 -32.35 23.47 -9.45
C LYS A 174 -31.27 23.87 -8.46
N ILE A 175 -30.71 25.06 -8.65
CA ILE A 175 -29.69 25.54 -7.74
C ILE A 175 -30.29 25.75 -6.35
N SER A 176 -31.58 26.05 -6.28
CA SER A 176 -32.24 26.26 -4.99
C SER A 176 -32.57 24.97 -4.26
N ASP A 177 -32.44 23.83 -4.93
CA ASP A 177 -32.72 22.53 -4.30
C ASP A 177 -31.47 22.04 -3.60
N PRO A 178 -31.62 21.00 -2.76
CA PRO A 178 -30.42 20.48 -2.09
C PRO A 178 -29.58 19.88 -3.22
N PRO A 179 -28.29 19.61 -2.98
CA PRO A 179 -27.46 19.03 -4.04
C PRO A 179 -28.11 17.77 -4.60
N ALA A 180 -28.01 17.55 -5.91
CA ALA A 180 -28.58 16.36 -6.52
C ALA A 180 -27.77 15.16 -6.04
N ARG A 181 -28.41 13.99 -6.02
CA ARG A 181 -27.72 12.78 -5.57
C ARG A 181 -28.31 11.51 -6.18
N MET A 182 -27.43 10.56 -6.48
CA MET A 182 -27.83 9.29 -7.06
C MET A 182 -26.67 8.33 -6.90
N THR A 183 -26.95 7.03 -7.01
CA THR A 183 -25.90 6.03 -6.88
C THR A 183 -25.61 5.32 -8.19
N ILE A 184 -24.34 5.29 -8.56
CA ILE A 184 -23.91 4.58 -9.76
C ILE A 184 -23.44 3.23 -9.19
N PRO A 185 -23.99 2.13 -9.71
CA PRO A 185 -23.58 0.82 -9.18
C PRO A 185 -22.14 0.46 -9.52
N PHE A 186 -21.63 -0.59 -8.89
CA PHE A 186 -20.29 -1.07 -9.22
C PHE A 186 -20.54 -1.53 -10.65
N MET A 187 -19.93 -0.86 -11.62
CA MET A 187 -20.19 -1.19 -13.02
C MET A 187 -19.04 -1.74 -13.84
N CYS A 188 -17.96 -2.11 -13.18
CA CYS A 188 -16.80 -2.64 -13.89
C CYS A 188 -17.14 -3.95 -14.61
N ILE A 189 -16.48 -4.20 -15.75
CA ILE A 189 -16.70 -5.43 -16.49
C ILE A 189 -16.00 -6.58 -15.77
N ASN A 190 -15.20 -6.24 -14.75
CA ASN A 190 -14.50 -7.23 -13.95
C ASN A 190 -15.14 -7.30 -12.55
N SER A 191 -14.63 -8.19 -11.70
CA SER A 191 -15.18 -8.34 -10.36
C SER A 191 -14.79 -7.23 -9.40
N ALA A 192 -13.87 -6.38 -9.82
CA ALA A 192 -13.42 -5.25 -9.01
C ALA A 192 -12.67 -4.27 -9.89
N TYR A 193 -12.63 -3.00 -9.46
CA TYR A 193 -11.90 -1.98 -10.21
C TYR A 193 -10.42 -2.16 -9.93
N SER A 194 -9.58 -1.84 -10.89
CA SER A 194 -8.12 -1.92 -10.71
C SER A 194 -7.65 -0.52 -10.38
N VAL A 195 -7.25 -0.29 -9.13
CA VAL A 195 -6.77 1.02 -8.72
C VAL A 195 -5.45 1.27 -9.45
N PHE A 196 -4.68 0.20 -9.64
CA PHE A 196 -3.41 0.25 -10.34
C PHE A 196 -3.48 -0.80 -11.44
N TYR A 197 -2.85 -0.54 -12.58
CA TYR A 197 -2.89 -1.48 -13.69
C TYR A 197 -1.54 -1.54 -14.41
N ASP A 198 -0.79 -2.61 -14.15
CA ASP A 198 0.53 -2.77 -14.78
C ASP A 198 0.37 -3.40 -16.15
N GLY A 199 -0.19 -2.63 -17.08
CA GLY A 199 -0.39 -3.14 -18.42
C GLY A 199 -0.81 -2.07 -19.42
N PHE A 200 -1.07 -2.48 -20.65
CA PHE A 200 -1.48 -1.58 -21.72
C PHE A 200 -2.89 -1.94 -22.18
N ALA A 201 -3.75 -0.93 -22.26
CA ALA A 201 -5.14 -1.09 -22.64
C ALA A 201 -5.47 -1.48 -24.08
N GLY A 202 -4.46 -1.77 -24.90
CA GLY A 202 -4.74 -2.13 -26.27
C GLY A 202 -3.89 -3.25 -26.82
N PHE A 203 -4.33 -3.81 -27.95
CA PHE A 203 -3.60 -4.91 -28.57
C PHE A 203 -2.36 -4.46 -29.32
N GLU A 204 -2.24 -3.16 -29.57
CA GLU A 204 -1.06 -2.66 -30.24
C GLU A 204 -0.07 -2.18 -29.17
N LYS A 205 1.11 -1.74 -29.59
CA LYS A 205 2.12 -1.31 -28.62
C LYS A 205 2.13 0.18 -28.27
N ASN A 206 1.35 0.97 -28.99
CA ASN A 206 1.32 2.42 -28.75
C ASN A 206 0.27 2.90 -27.75
N GLY A 207 -0.47 1.96 -27.16
CA GLY A 207 -1.48 2.34 -26.20
C GLY A 207 -0.93 3.02 -24.95
N LEU A 208 -1.84 3.53 -24.13
CA LEU A 208 -1.47 4.19 -22.89
C LEU A 208 -1.19 3.16 -21.79
N TYR A 209 -0.11 3.39 -21.05
CA TYR A 209 0.28 2.48 -19.97
C TYR A 209 -0.44 2.86 -18.68
N GLY A 210 -0.83 1.84 -17.91
CA GLY A 210 -1.49 2.06 -16.64
C GLY A 210 -2.93 2.54 -16.65
N ILE A 211 -3.54 2.57 -17.83
CA ILE A 211 -4.93 3.01 -17.93
C ILE A 211 -5.83 1.91 -18.46
N ASN A 212 -6.53 1.22 -17.56
CA ASN A 212 -7.45 0.17 -17.98
C ASN A 212 -8.83 0.82 -18.17
N PRO A 213 -9.29 0.93 -19.43
CA PRO A 213 -10.59 1.55 -19.76
C PRO A 213 -11.74 1.01 -18.90
N ALA A 214 -11.64 -0.27 -18.55
CA ALA A 214 -12.65 -0.93 -17.74
C ALA A 214 -12.86 -0.21 -16.39
N ASP A 215 -11.89 0.61 -15.99
CA ASP A 215 -11.98 1.33 -14.73
C ASP A 215 -12.44 2.78 -14.84
N THR A 216 -13.03 3.14 -15.97
CA THR A 216 -13.52 4.51 -16.14
C THR A 216 -15.04 4.47 -16.11
N ILE A 217 -15.61 4.93 -15.00
CA ILE A 217 -17.05 4.94 -14.82
C ILE A 217 -17.81 5.55 -15.99
N GLY A 218 -17.26 6.61 -16.61
CA GLY A 218 -17.94 7.21 -17.75
C GLY A 218 -17.84 8.73 -17.88
N ASN A 219 -18.71 9.31 -18.70
CA ASN A 219 -18.76 10.75 -18.93
C ASN A 219 -19.92 11.41 -18.22
N LEU A 220 -19.69 12.61 -17.71
CA LEU A 220 -20.72 13.38 -17.04
C LEU A 220 -20.89 14.66 -17.85
N CYS A 221 -22.03 14.80 -18.51
CA CYS A 221 -22.31 15.99 -19.32
C CYS A 221 -23.30 16.87 -18.59
N VAL A 222 -22.86 18.08 -18.25
CA VAL A 222 -23.68 19.02 -17.51
C VAL A 222 -23.95 20.31 -18.26
N ARG A 223 -25.22 20.70 -18.35
CA ARG A 223 -25.57 21.94 -19.02
C ARG A 223 -26.57 22.72 -18.19
N ILE A 224 -26.65 24.01 -18.48
CA ILE A 224 -27.64 24.85 -17.85
C ILE A 224 -28.79 24.71 -18.85
N VAL A 225 -29.98 24.38 -18.36
CA VAL A 225 -31.11 24.20 -19.26
C VAL A 225 -31.66 25.53 -19.75
N ASN A 226 -31.71 26.52 -18.86
CA ASN A 226 -32.20 27.85 -19.21
C ASN A 226 -31.41 28.47 -20.35
N GLU A 227 -32.09 29.26 -21.18
CA GLU A 227 -31.39 29.97 -22.25
C GLU A 227 -30.63 31.06 -21.49
N HIS A 228 -29.62 31.64 -22.13
CA HIS A 228 -28.83 32.68 -21.47
C HIS A 228 -29.67 33.89 -21.07
N GLN A 229 -29.19 34.59 -20.03
CA GLN A 229 -29.87 35.79 -19.55
C GLN A 229 -29.18 37.00 -20.21
N PRO A 230 -29.71 38.21 -20.00
CA PRO A 230 -29.10 39.41 -20.59
C PRO A 230 -27.70 39.70 -20.06
N VAL A 231 -27.36 39.11 -18.91
CA VAL A 231 -26.05 39.32 -18.31
C VAL A 231 -25.36 37.97 -18.10
N GLY A 232 -24.05 38.00 -17.86
CA GLY A 232 -23.32 36.76 -17.66
C GLY A 232 -23.12 36.39 -16.20
N PHE A 233 -22.99 35.08 -15.96
CA PHE A 233 -22.77 34.56 -14.62
C PHE A 233 -21.68 33.52 -14.66
N THR A 234 -21.07 33.29 -13.51
CA THR A 234 -20.05 32.25 -13.40
C THR A 234 -20.76 31.16 -12.62
N VAL A 235 -20.79 29.96 -13.19
CA VAL A 235 -21.43 28.83 -12.53
C VAL A 235 -20.38 27.77 -12.24
N THR A 236 -20.35 27.29 -11.01
CA THR A 236 -19.39 26.27 -10.64
C THR A 236 -20.12 25.03 -10.21
N VAL A 237 -19.72 23.89 -10.76
CA VAL A 237 -20.33 22.62 -10.44
C VAL A 237 -19.29 21.74 -9.75
N ARG A 238 -19.65 21.24 -8.58
CA ARG A 238 -18.76 20.37 -7.82
C ARG A 238 -19.40 19.00 -7.69
N VAL A 239 -18.63 17.97 -8.00
CA VAL A 239 -19.13 16.60 -7.91
C VAL A 239 -18.39 15.87 -6.80
N TYR A 240 -19.15 15.19 -5.94
CA TYR A 240 -18.57 14.44 -4.84
C TYR A 240 -18.90 12.96 -5.02
N MET A 241 -17.99 12.10 -4.61
CA MET A 241 -18.21 10.67 -4.73
C MET A 241 -17.96 9.96 -3.41
N LYS A 242 -18.89 9.10 -3.03
CA LYS A 242 -18.72 8.33 -1.81
C LYS A 242 -18.90 6.86 -2.11
N PRO A 243 -17.83 6.07 -1.96
CA PRO A 243 -17.98 4.63 -2.22
C PRO A 243 -18.67 3.95 -1.04
N LYS A 244 -19.46 2.92 -1.33
CA LYS A 244 -20.17 2.16 -0.30
C LYS A 244 -20.28 0.70 -0.73
N HIS A 245 -20.60 -0.19 0.21
CA HIS A 245 -20.69 -1.63 -0.08
C HIS A 245 -19.32 -1.99 -0.64
N ILE A 246 -18.29 -1.58 0.10
CA ILE A 246 -16.91 -1.76 -0.29
C ILE A 246 -16.21 -3.06 0.09
N LYS A 247 -15.42 -3.56 -0.85
CA LYS A 247 -14.58 -4.74 -0.65
C LYS A 247 -13.23 -4.28 -1.18
N ALA A 248 -12.17 -4.52 -0.42
CA ALA A 248 -10.84 -4.09 -0.80
C ALA A 248 -9.83 -5.21 -0.71
N TRP A 249 -8.84 -5.19 -1.61
CA TRP A 249 -7.82 -6.22 -1.65
C TRP A 249 -6.40 -5.67 -1.82
N ALA A 250 -5.46 -6.37 -1.18
CA ALA A 250 -4.02 -6.07 -1.26
C ALA A 250 -3.60 -4.62 -1.00
N PRO A 251 -3.48 -4.26 0.29
CA PRO A 251 -3.06 -2.89 0.64
C PRO A 251 -1.70 -2.57 0.06
N ARG A 252 -1.42 -1.28 -0.13
CA ARG A 252 -0.16 -0.85 -0.76
C ARG A 252 0.58 0.26 -0.03
N PRO A 253 1.87 0.48 -0.39
CA PRO A 253 2.66 1.53 0.23
C PRO A 253 2.01 2.88 -0.11
N PRO A 254 1.81 3.75 0.90
CA PRO A 254 1.20 5.06 0.67
C PRO A 254 2.04 5.98 -0.24
N ARG A 255 1.36 6.84 -0.98
CA ARG A 255 2.04 7.79 -1.85
C ARG A 255 2.82 8.79 -1.00
N THR A 256 4.07 9.06 -1.37
CA THR A 256 4.89 10.01 -0.62
C THR A 256 5.23 11.23 -1.47
N MET A 257 5.63 11.00 -2.73
CA MET A 257 5.97 12.09 -3.62
C MET A 257 4.69 12.79 -4.12
N PRO A 258 4.74 14.11 -4.30
CA PRO A 258 3.54 14.81 -4.79
C PRO A 258 3.11 14.21 -6.11
N TYR A 259 1.82 14.23 -6.41
CA TYR A 259 1.33 13.72 -7.69
C TYR A 259 1.69 14.72 -8.78
N MET A 260 1.91 14.22 -9.99
CA MET A 260 2.27 15.09 -11.12
C MET A 260 1.18 15.07 -12.20
N SER A 261 0.59 13.91 -12.42
CA SER A 261 -0.42 13.76 -13.46
C SER A 261 -1.54 12.83 -13.04
N ILE A 262 -2.70 12.97 -13.66
CA ILE A 262 -3.83 12.09 -13.34
C ILE A 262 -3.72 10.82 -14.15
N ALA A 263 -2.84 10.83 -15.15
CA ALA A 263 -2.68 9.67 -16.03
C ALA A 263 -1.60 8.67 -15.65
N ASN A 264 -0.80 8.97 -14.64
CA ASN A 264 0.27 8.07 -14.25
C ASN A 264 0.79 8.31 -12.84
N ALA A 265 1.74 7.49 -12.43
CA ALA A 265 2.33 7.60 -11.10
C ALA A 265 3.65 8.36 -11.12
N ASN A 266 3.91 9.10 -12.19
CA ASN A 266 5.16 9.85 -12.32
C ASN A 266 5.42 10.66 -11.05
N TYR A 267 6.70 10.79 -10.71
CA TYR A 267 7.10 11.49 -9.49
C TYR A 267 8.31 12.40 -9.70
N LYS A 268 8.44 13.38 -8.82
CA LYS A 268 9.55 14.31 -8.88
C LYS A 268 10.03 14.63 -7.46
N GLY A 269 9.07 14.77 -6.54
CA GLY A 269 9.40 15.09 -5.17
C GLY A 269 9.41 16.59 -4.93
N ARG A 270 9.27 17.00 -3.68
CA ARG A 270 9.29 18.42 -3.30
C ARG A 270 10.72 18.93 -3.51
N ASP A 271 10.88 20.26 -3.53
CA ASP A 271 12.22 20.84 -3.73
C ASP A 271 13.14 20.53 -2.56
N THR A 272 12.59 20.51 -1.36
CA THR A 272 13.37 20.21 -0.16
C THR A 272 12.52 19.32 0.75
N ALA A 273 13.18 18.50 1.58
CA ALA A 273 12.46 17.61 2.49
C ALA A 273 11.51 18.47 3.33
N PRO A 274 10.41 17.89 3.82
CA PRO A 274 10.00 16.49 3.64
C PRO A 274 9.47 16.14 2.26
N ASN A 275 9.38 14.85 1.99
CA ASN A 275 8.86 14.32 0.74
C ASN A 275 9.60 14.75 -0.51
N THR A 276 10.92 14.76 -0.41
CA THR A 276 11.75 15.07 -1.57
C THR A 276 12.24 13.69 -2.02
N LEU A 277 12.52 13.53 -3.30
CA LEU A 277 12.94 12.23 -3.83
C LEU A 277 14.12 11.62 -3.11
N ASN A 278 14.96 12.49 -2.59
CA ASN A 278 16.18 12.11 -1.88
C ASN A 278 15.96 11.89 -0.37
N ALA A 279 14.87 12.43 0.17
CA ALA A 279 14.59 12.31 1.59
C ALA A 279 13.11 12.54 1.88
N ILE A 280 12.42 11.47 2.28
CA ILE A 280 11.00 11.55 2.58
C ILE A 280 10.77 12.24 3.93
N ILE A 281 11.54 11.86 4.94
CA ILE A 281 11.39 12.44 6.27
C ILE A 281 12.31 13.66 6.41
N GLY A 282 11.84 14.68 7.12
CA GLY A 282 12.67 15.86 7.33
C GLY A 282 13.91 15.47 8.12
N ASN A 283 15.00 16.19 7.92
CA ASN A 283 16.26 15.89 8.62
C ASN A 283 16.34 16.37 10.05
N ARG A 284 17.17 15.68 10.83
CA ARG A 284 17.48 16.07 12.20
C ARG A 284 19.00 16.15 12.16
N ALA A 285 19.62 16.82 13.12
CA ALA A 285 21.06 16.98 13.11
C ALA A 285 21.87 15.69 13.03
N SER A 286 21.45 14.67 13.77
CA SER A 286 22.16 13.39 13.77
C SER A 286 21.27 12.29 14.31
N VAL A 287 21.71 11.03 14.24
CA VAL A 287 20.90 9.94 14.74
C VAL A 287 20.86 9.88 16.26
N THR A 288 21.57 10.80 16.93
CA THR A 288 21.54 10.85 18.38
C THR A 288 20.92 12.17 18.85
N THR A 289 20.38 12.91 17.89
CA THR A 289 19.73 14.19 18.19
C THR A 289 18.23 13.92 18.35
N MET A 290 17.70 14.23 19.53
CA MET A 290 16.29 14.02 19.79
C MET A 290 15.49 15.28 19.53
N PRO A 291 14.68 15.28 18.47
CA PRO A 291 13.87 16.46 18.16
C PRO A 291 12.80 16.61 19.23
N HIS A 292 12.44 17.85 19.56
CA HIS A 292 11.42 18.12 20.56
C HIS A 292 11.77 17.55 21.92
N ASN A 293 13.07 17.44 22.20
CA ASN A 293 13.51 16.91 23.48
C ASN A 293 12.95 17.80 24.58
N ILE A 294 12.51 17.19 25.68
CA ILE A 294 11.96 17.95 26.78
C ILE A 294 13.09 18.61 27.56
N VAL A 295 13.07 19.94 27.61
CA VAL A 295 14.09 20.70 28.32
C VAL A 295 13.50 21.22 29.63
N THR A 296 13.50 20.38 30.65
CA THR A 296 12.94 20.78 31.95
C THR A 296 13.96 21.54 32.81
N SER B 10 15.46 -27.57 9.84
CA SER B 10 14.06 -28.08 9.71
C SER B 10 13.25 -27.07 8.89
N ASP B 11 13.38 -25.78 9.19
CA ASP B 11 12.69 -24.78 8.39
C ASP B 11 13.78 -23.98 7.68
N ARG B 12 15.00 -24.53 7.71
CA ARG B 12 16.16 -23.92 7.06
C ARG B 12 16.54 -24.69 5.79
N VAL B 13 16.05 -25.91 5.63
CA VAL B 13 16.34 -26.70 4.44
C VAL B 13 15.03 -26.90 3.71
N LEU B 14 15.08 -26.93 2.39
CA LEU B 14 13.86 -27.05 1.60
C LEU B 14 14.12 -27.58 0.20
N GLN B 15 13.21 -28.42 -0.30
CA GLN B 15 13.31 -28.92 -1.66
C GLN B 15 11.99 -28.61 -2.36
N LEU B 16 12.11 -28.02 -3.55
CA LEU B 16 10.94 -27.68 -4.36
C LEU B 16 11.04 -28.55 -5.61
N LYS B 17 9.97 -29.28 -5.92
CA LYS B 17 9.98 -30.15 -7.09
C LYS B 17 8.71 -29.98 -7.91
N LEU B 18 8.87 -29.59 -9.17
CA LEU B 18 7.74 -29.42 -10.09
C LEU B 18 8.16 -29.90 -11.47
N GLY B 19 7.37 -30.78 -12.06
CA GLY B 19 7.69 -31.30 -13.37
C GLY B 19 9.02 -32.04 -13.33
N ASN B 20 9.89 -31.76 -14.30
CA ASN B 20 11.20 -32.41 -14.35
C ASN B 20 12.27 -31.57 -13.65
N SER B 21 11.84 -30.62 -12.82
CA SER B 21 12.78 -29.74 -12.14
C SER B 21 12.69 -29.78 -10.61
N ALA B 22 13.83 -29.61 -9.96
CA ALA B 22 13.89 -29.61 -8.52
C ALA B 22 14.98 -28.65 -8.05
N ILE B 23 14.78 -28.07 -6.87
CA ILE B 23 15.72 -27.14 -6.29
C ILE B 23 15.80 -27.38 -4.78
N VAL B 24 17.00 -27.33 -4.23
CA VAL B 24 17.15 -27.48 -2.79
C VAL B 24 17.94 -26.30 -2.28
N THR B 25 17.74 -25.99 -1.01
CA THR B 25 18.48 -24.92 -0.36
C THR B 25 18.70 -25.43 1.05
N GLN B 26 19.88 -25.17 1.60
CA GLN B 26 20.19 -25.62 2.95
C GLN B 26 20.25 -24.42 3.88
N GLU B 27 19.88 -23.25 3.36
CA GLU B 27 19.92 -22.04 4.16
C GLU B 27 18.72 -21.16 3.80
N ALA B 28 17.52 -21.70 4.04
CA ALA B 28 16.28 -20.99 3.75
C ALA B 28 15.77 -20.32 5.03
N ALA B 29 14.65 -19.62 4.92
CA ALA B 29 14.02 -18.97 6.05
C ALA B 29 12.52 -19.24 5.93
N ASN B 30 12.14 -20.52 6.06
CA ASN B 30 10.73 -20.92 5.92
C ASN B 30 10.43 -20.49 4.49
N TYR B 31 9.16 -20.22 4.19
CA TYR B 31 8.82 -19.69 2.87
C TYR B 31 7.45 -19.05 2.91
N CYS B 32 7.26 -18.09 2.01
CA CYS B 32 6.03 -17.30 1.94
C CYS B 32 4.96 -17.76 0.96
N CYS B 33 3.73 -17.81 1.45
CA CYS B 33 2.58 -18.14 0.62
C CYS B 33 1.82 -16.82 0.57
N ALA B 34 1.92 -16.12 -0.56
CA ALA B 34 1.27 -14.82 -0.72
C ALA B 34 -0.16 -14.78 -0.20
N TYR B 35 -0.39 -13.87 0.74
CA TYR B 35 -1.72 -13.70 1.33
C TYR B 35 -2.28 -15.00 1.90
N GLY B 36 -1.40 -15.92 2.24
CA GLY B 36 -1.82 -17.19 2.81
C GLY B 36 -2.58 -18.07 1.84
N GLU B 37 -2.40 -17.84 0.54
CA GLU B 37 -3.12 -18.62 -0.46
C GLU B 37 -2.20 -19.60 -1.17
N TRP B 38 -2.78 -20.44 -2.02
CA TRP B 38 -2.02 -21.42 -2.79
C TRP B 38 -2.66 -21.48 -4.17
N PRO B 39 -1.86 -21.65 -5.22
CA PRO B 39 -2.38 -21.72 -6.59
C PRO B 39 -3.42 -22.84 -6.78
N ASN B 40 -4.35 -22.63 -7.71
CA ASN B 40 -5.36 -23.63 -8.01
C ASN B 40 -5.91 -23.39 -9.41
N TYR B 41 -6.53 -24.42 -9.98
CA TYR B 41 -7.13 -24.31 -11.30
C TYR B 41 -8.44 -23.54 -11.19
N LEU B 42 -8.85 -22.93 -12.29
CA LEU B 42 -10.08 -22.14 -12.33
C LEU B 42 -11.35 -22.97 -12.14
N PRO B 43 -12.09 -22.73 -11.06
CA PRO B 43 -13.33 -23.50 -10.84
C PRO B 43 -14.46 -23.10 -11.79
N ASP B 44 -15.38 -24.02 -12.04
CA ASP B 44 -16.51 -23.78 -12.93
C ASP B 44 -17.36 -22.59 -12.52
N HIS B 45 -17.48 -22.34 -11.22
CA HIS B 45 -18.31 -21.23 -10.76
C HIS B 45 -17.66 -19.85 -10.87
N GLU B 46 -16.43 -19.81 -11.38
CA GLU B 46 -15.74 -18.54 -11.56
C GLU B 46 -15.31 -18.36 -13.02
N ALA B 47 -15.51 -19.40 -13.82
CA ALA B 47 -15.12 -19.38 -15.23
C ALA B 47 -15.97 -18.46 -16.10
N VAL B 48 -15.33 -17.95 -17.15
CA VAL B 48 -15.97 -17.05 -18.11
C VAL B 48 -15.84 -17.59 -19.53
N ALA B 49 -14.60 -17.85 -19.97
CA ALA B 49 -14.36 -18.37 -21.31
C ALA B 49 -14.93 -19.79 -21.37
N ILE B 50 -15.79 -20.07 -22.35
CA ILE B 50 -16.42 -21.38 -22.42
C ILE B 50 -15.73 -22.51 -23.17
N ASP B 51 -14.65 -22.21 -23.88
CA ASP B 51 -13.95 -23.29 -24.58
C ASP B 51 -13.19 -24.13 -23.56
N LYS B 52 -13.02 -25.41 -23.87
CA LYS B 52 -12.29 -26.31 -22.96
C LYS B 52 -10.85 -25.85 -22.91
N PRO B 53 -10.32 -25.59 -21.72
CA PRO B 53 -8.93 -25.14 -21.61
C PRO B 53 -7.94 -26.28 -21.72
N THR B 54 -6.70 -25.92 -22.03
CA THR B 54 -5.65 -26.93 -22.09
C THR B 54 -4.88 -26.72 -20.78
N GLN B 55 -4.55 -27.83 -20.12
CA GLN B 55 -3.80 -27.79 -18.87
C GLN B 55 -2.57 -28.67 -19.10
N PRO B 56 -1.49 -28.08 -19.65
CA PRO B 56 -0.22 -28.73 -19.97
C PRO B 56 0.51 -29.43 -18.83
N GLU B 57 0.24 -28.99 -17.61
CA GLU B 57 0.88 -29.56 -16.41
C GLU B 57 2.42 -29.48 -16.44
N THR B 58 3.08 -30.64 -16.45
CA THR B 58 4.53 -30.68 -16.40
C THR B 58 5.34 -29.92 -17.46
N SER B 59 4.79 -29.74 -18.66
CA SER B 59 5.55 -29.03 -19.68
C SER B 59 5.65 -27.53 -19.39
N THR B 60 4.74 -27.01 -18.57
CA THR B 60 4.75 -25.59 -18.23
C THR B 60 4.93 -25.31 -16.74
N ASP B 61 4.44 -26.20 -15.89
CA ASP B 61 4.55 -26.01 -14.45
C ASP B 61 5.86 -26.63 -13.99
N ARG B 62 6.94 -25.88 -14.20
CA ARG B 62 8.29 -26.33 -13.87
C ARG B 62 9.16 -25.08 -13.69
N PHE B 63 10.33 -25.25 -13.09
CA PHE B 63 11.22 -24.10 -12.88
C PHE B 63 11.98 -23.63 -14.12
N TYR B 64 11.90 -22.33 -14.37
CA TYR B 64 12.61 -21.71 -15.46
C TYR B 64 13.61 -20.77 -14.80
N THR B 65 14.89 -20.97 -15.06
CA THR B 65 15.92 -20.12 -14.48
C THR B 65 16.32 -19.04 -15.48
N LEU B 66 16.25 -17.79 -15.04
CA LEU B 66 16.59 -16.65 -15.89
C LEU B 66 18.08 -16.36 -15.78
N ARG B 67 18.58 -15.53 -16.69
CA ARG B 67 19.98 -15.14 -16.64
C ARG B 67 20.21 -14.42 -15.32
N SER B 68 21.38 -14.65 -14.72
CA SER B 68 21.71 -14.04 -13.45
C SER B 68 22.11 -12.57 -13.62
N VAL B 69 22.16 -11.85 -12.50
CA VAL B 69 22.59 -10.46 -12.51
C VAL B 69 23.69 -10.39 -11.44
N LYS B 70 24.53 -9.37 -11.52
CA LYS B 70 25.61 -9.24 -10.57
C LYS B 70 25.31 -8.21 -9.49
N TRP B 71 25.42 -8.62 -8.23
CA TRP B 71 25.18 -7.72 -7.12
C TRP B 71 26.45 -6.90 -6.90
N GLU B 72 26.37 -5.61 -7.18
CA GLU B 72 27.53 -4.74 -7.01
C GLU B 72 27.34 -3.77 -5.86
N SER B 73 28.44 -3.19 -5.40
CA SER B 73 28.43 -2.26 -4.27
C SER B 73 27.50 -1.07 -4.47
N ASN B 74 27.26 -0.71 -5.72
CA ASN B 74 26.39 0.43 -6.01
C ASN B 74 25.09 0.07 -6.71
N SER B 75 24.70 -1.21 -6.68
CA SER B 75 23.47 -1.65 -7.32
C SER B 75 22.24 -0.98 -6.70
N THR B 76 21.21 -0.75 -7.51
CA THR B 76 19.99 -0.12 -7.03
C THR B 76 18.85 -1.13 -6.92
N GLY B 77 19.00 -2.28 -7.58
CA GLY B 77 17.95 -3.27 -7.52
C GLY B 77 17.48 -3.72 -8.89
N TRP B 78 16.79 -4.85 -8.92
CA TRP B 78 16.31 -5.43 -10.17
C TRP B 78 14.84 -5.82 -10.09
N TRP B 79 14.20 -5.96 -11.24
CA TRP B 79 12.80 -6.37 -11.28
C TRP B 79 12.51 -7.19 -12.52
N TRP B 80 11.54 -8.10 -12.39
CA TRP B 80 11.10 -8.96 -13.49
C TRP B 80 9.58 -9.00 -13.41
N LYS B 81 8.92 -8.73 -14.52
CA LYS B 81 7.46 -8.75 -14.54
C LYS B 81 6.94 -10.09 -15.04
N LEU B 82 5.84 -10.55 -14.45
CA LEU B 82 5.24 -11.82 -14.81
C LEU B 82 3.84 -11.59 -15.36
N PRO B 83 3.46 -12.33 -16.41
CA PRO B 83 4.25 -13.36 -17.12
C PRO B 83 5.27 -12.92 -18.17
N ASP B 84 5.40 -11.61 -18.40
CA ASP B 84 6.34 -11.12 -19.43
C ASP B 84 7.71 -11.80 -19.44
N ALA B 85 8.33 -11.91 -18.27
CA ALA B 85 9.66 -12.51 -18.18
C ALA B 85 9.74 -13.93 -18.75
N LEU B 86 8.62 -14.65 -18.71
CA LEU B 86 8.61 -16.02 -19.21
C LEU B 86 7.83 -16.21 -20.51
N ASN B 87 7.27 -15.14 -21.07
CA ASN B 87 6.46 -15.28 -22.27
C ASN B 87 7.17 -15.82 -23.51
N ASN B 88 8.49 -15.97 -23.42
CA ASN B 88 9.23 -16.50 -24.56
C ASN B 88 10.17 -17.63 -24.15
N ILE B 89 9.84 -18.30 -23.05
CA ILE B 89 10.67 -19.39 -22.55
C ILE B 89 9.93 -20.73 -22.51
N GLY B 90 10.54 -21.74 -23.11
CA GLY B 90 9.98 -23.08 -23.13
C GLY B 90 8.55 -23.26 -23.59
N MET B 91 7.90 -24.31 -23.11
CA MET B 91 6.53 -24.59 -23.49
C MET B 91 5.54 -23.61 -22.86
N PHE B 92 5.94 -22.94 -21.79
CA PHE B 92 5.06 -21.95 -21.18
C PHE B 92 4.96 -20.83 -22.20
N GLY B 93 6.11 -20.44 -22.75
CA GLY B 93 6.14 -19.38 -23.74
C GLY B 93 5.35 -19.74 -24.99
N GLN B 94 5.42 -20.99 -25.43
CA GLN B 94 4.68 -21.40 -26.62
C GLN B 94 3.17 -21.33 -26.38
N ASN B 95 2.71 -21.85 -25.25
CA ASN B 95 1.29 -21.81 -24.95
C ASN B 95 0.80 -20.36 -24.89
N VAL B 96 1.62 -19.49 -24.31
CA VAL B 96 1.28 -18.07 -24.19
C VAL B 96 1.12 -17.43 -25.57
N GLN B 97 2.03 -17.76 -26.49
CA GLN B 97 1.98 -17.19 -27.83
C GLN B 97 0.84 -17.71 -28.69
N TYR B 98 0.43 -18.95 -28.46
CA TYR B 98 -0.63 -19.56 -29.24
C TYR B 98 -2.03 -19.38 -28.67
N HIS B 99 -2.13 -18.88 -27.44
CA HIS B 99 -3.43 -18.68 -26.81
C HIS B 99 -3.68 -17.22 -26.43
N TYR B 100 -4.91 -16.79 -26.62
CA TYR B 100 -5.32 -15.44 -26.28
C TYR B 100 -5.39 -15.29 -24.75
N LEU B 101 -5.80 -16.35 -24.06
CA LEU B 101 -5.94 -16.29 -22.61
C LEU B 101 -5.06 -17.26 -21.83
N TYR B 102 -4.60 -16.79 -20.66
CA TYR B 102 -3.78 -17.62 -19.79
C TYR B 102 -4.13 -17.36 -18.33
N ARG B 103 -3.69 -18.27 -17.47
CA ARG B 103 -3.93 -18.17 -16.04
C ARG B 103 -2.92 -19.07 -15.35
N SER B 104 -2.35 -18.61 -14.26
CA SER B 104 -1.41 -19.42 -13.49
C SER B 104 -0.91 -18.73 -12.24
N GLY B 105 -0.34 -19.53 -11.34
CA GLY B 105 0.24 -19.00 -10.13
C GLY B 105 1.73 -19.09 -10.43
N PHE B 106 2.59 -18.78 -9.45
CA PHE B 106 4.02 -18.85 -9.67
C PHE B 106 4.76 -19.22 -8.39
N LEU B 107 5.79 -20.04 -8.52
CA LEU B 107 6.60 -20.39 -7.36
C LEU B 107 7.92 -19.68 -7.66
N ILE B 108 8.27 -18.71 -6.83
CA ILE B 108 9.49 -17.94 -7.01
C ILE B 108 10.59 -18.33 -6.03
N HIS B 109 11.80 -18.50 -6.56
CA HIS B 109 12.95 -18.86 -5.75
C HIS B 109 14.12 -17.98 -6.15
N VAL B 110 14.52 -17.07 -5.28
CA VAL B 110 15.63 -16.17 -5.55
C VAL B 110 16.86 -16.71 -4.82
N GLN B 111 17.98 -16.76 -5.52
CA GLN B 111 19.20 -17.33 -4.96
C GLN B 111 20.38 -16.38 -4.92
N CYS B 112 21.08 -16.38 -3.79
CA CYS B 112 22.25 -15.55 -3.61
C CYS B 112 23.07 -16.01 -2.42
N ASN B 113 24.23 -16.57 -2.69
CA ASN B 113 25.12 -17.02 -1.63
C ASN B 113 26.38 -16.17 -1.67
N ALA B 114 27.10 -16.16 -0.56
CA ALA B 114 28.33 -15.41 -0.49
C ALA B 114 29.30 -16.09 0.46
N THR B 115 29.74 -15.35 1.48
CA THR B 115 30.69 -15.88 2.44
C THR B 115 30.31 -15.43 3.84
N LYS B 116 30.78 -16.14 4.85
CA LYS B 116 30.48 -15.77 6.24
C LYS B 116 31.19 -14.47 6.60
N PHE B 117 31.95 -13.91 5.66
CA PHE B 117 32.64 -12.64 5.86
C PHE B 117 31.95 -11.53 5.05
N HIS B 118 30.91 -11.90 4.31
CA HIS B 118 30.15 -10.94 3.51
C HIS B 118 28.90 -10.48 4.26
N GLN B 119 28.45 -9.26 3.98
CA GLN B 119 27.23 -8.74 4.58
C GLN B 119 26.41 -8.10 3.48
N GLY B 120 25.09 -8.08 3.67
CA GLY B 120 24.21 -7.50 2.69
C GLY B 120 22.80 -7.99 2.93
N ALA B 121 21.81 -7.20 2.56
CA ALA B 121 20.42 -7.60 2.75
C ALA B 121 19.58 -7.20 1.55
N LEU B 122 18.94 -8.18 0.96
CA LEU B 122 18.09 -7.97 -0.21
C LEU B 122 16.63 -8.13 0.16
N LEU B 123 15.80 -7.17 -0.25
CA LEU B 123 14.37 -7.29 -0.02
C LEU B 123 13.88 -8.02 -1.27
N VAL B 124 13.18 -9.14 -1.08
CA VAL B 124 12.65 -9.91 -2.19
C VAL B 124 11.13 -9.81 -2.05
N VAL B 125 10.51 -8.96 -2.84
CA VAL B 125 9.07 -8.76 -2.75
C VAL B 125 8.31 -8.96 -4.05
N ALA B 126 7.13 -9.56 -3.94
CA ALA B 126 6.27 -9.81 -5.10
C ALA B 126 5.19 -8.75 -5.06
N ILE B 127 5.23 -7.80 -5.99
CA ILE B 127 4.28 -6.71 -6.02
C ILE B 127 3.15 -6.92 -7.02
N PRO B 128 1.90 -6.89 -6.55
CA PRO B 128 0.77 -7.08 -7.47
C PRO B 128 0.51 -5.75 -8.20
N GLU B 129 0.24 -5.83 -9.49
CA GLU B 129 -0.02 -4.62 -10.29
C GLU B 129 1.00 -3.52 -10.03
N HIS B 130 2.29 -3.80 -10.22
CA HIS B 130 3.28 -2.76 -10.00
C HIS B 130 3.36 -1.82 -11.19
N GLN B 131 2.50 -0.81 -11.17
CA GLN B 131 2.44 0.18 -12.23
C GLN B 131 3.57 1.19 -12.05
N ARG B 132 4.58 1.13 -12.91
CA ARG B 132 5.71 2.04 -12.81
C ARG B 132 5.39 3.47 -13.15
N GLY B 133 6.14 4.39 -12.56
CA GLY B 133 5.98 5.80 -12.85
C GLY B 133 7.30 6.25 -13.45
N ALA B 134 7.29 7.34 -14.20
CA ALA B 134 8.53 7.86 -14.78
C ALA B 134 8.98 9.01 -13.88
N HIS B 135 10.28 9.28 -13.89
CA HIS B 135 10.84 10.33 -13.07
C HIS B 135 10.94 11.70 -13.74
N ASP B 136 10.49 12.73 -13.02
CA ASP B 136 10.59 14.11 -13.46
C ASP B 136 10.11 14.42 -14.88
N THR B 137 8.88 14.00 -15.19
CA THR B 137 8.26 14.24 -16.48
C THR B 137 6.79 13.88 -16.35
N THR B 138 5.94 14.43 -17.20
CA THR B 138 4.52 14.12 -17.13
C THR B 138 4.19 13.03 -18.14
N THR B 139 5.16 12.66 -18.96
CA THR B 139 4.96 11.61 -19.96
C THR B 139 4.99 10.22 -19.33
N SER B 140 3.94 9.43 -19.57
CA SER B 140 3.85 8.09 -19.03
C SER B 140 4.91 7.16 -19.61
N PRO B 141 5.33 6.15 -18.83
CA PRO B 141 6.35 5.19 -19.28
C PRO B 141 5.92 4.54 -20.59
N GLY B 142 6.87 4.23 -21.46
CA GLY B 142 6.55 3.61 -22.74
C GLY B 142 6.64 2.09 -22.70
N PHE B 143 6.19 1.47 -23.79
CA PHE B 143 6.18 0.02 -23.90
C PHE B 143 7.55 -0.61 -23.58
N ASN B 144 8.62 -0.03 -24.12
CA ASN B 144 9.95 -0.57 -23.89
C ASN B 144 10.50 -0.29 -22.49
N ASP B 145 9.87 0.63 -21.77
CA ASP B 145 10.31 0.93 -20.41
C ASP B 145 9.73 -0.13 -19.49
N ILE B 146 8.63 -0.75 -19.92
CA ILE B 146 7.93 -1.73 -19.12
C ILE B 146 8.18 -3.19 -19.46
N MET B 147 8.15 -3.52 -20.75
CA MET B 147 8.32 -4.90 -21.19
C MET B 147 9.79 -5.23 -21.47
N LYS B 148 10.47 -5.77 -20.46
CA LYS B 148 11.88 -6.12 -20.57
C LYS B 148 12.10 -7.60 -20.85
N GLY B 149 11.06 -8.40 -20.66
CA GLY B 149 11.20 -9.82 -20.90
C GLY B 149 12.11 -10.51 -19.89
N GLU B 150 12.74 -11.59 -20.33
CA GLU B 150 13.62 -12.41 -19.52
C GLU B 150 14.75 -11.64 -18.81
N ARG B 151 15.22 -10.56 -19.42
CA ARG B 151 16.30 -9.77 -18.84
C ARG B 151 15.87 -8.95 -17.62
N GLY B 152 14.60 -8.54 -17.60
CA GLY B 152 14.12 -7.74 -16.49
C GLY B 152 14.66 -6.34 -16.58
N GLY B 153 14.42 -5.52 -15.57
CA GLY B 153 14.92 -4.16 -15.58
C GLY B 153 15.60 -3.84 -14.27
N THR B 154 15.91 -2.57 -14.05
CA THR B 154 16.55 -2.14 -12.81
C THR B 154 15.79 -0.95 -12.26
N PHE B 155 15.91 -0.70 -10.96
CA PHE B 155 15.23 0.42 -10.32
C PHE B 155 16.03 1.70 -10.50
N ASN B 156 15.33 2.79 -10.79
CA ASN B 156 15.99 4.08 -10.95
C ASN B 156 16.04 4.74 -9.57
N HIS B 157 14.94 4.62 -8.83
CA HIS B 157 14.83 5.21 -7.50
C HIS B 157 14.12 4.21 -6.59
N PRO B 158 14.82 3.12 -6.21
CA PRO B 158 14.24 2.09 -5.34
C PRO B 158 13.63 2.66 -4.05
N TYR B 159 14.17 3.78 -3.60
CA TYR B 159 13.69 4.43 -2.39
C TYR B 159 12.17 4.68 -2.45
N VAL B 160 11.67 4.97 -3.64
CA VAL B 160 10.22 5.20 -3.81
C VAL B 160 9.59 4.16 -4.74
N LEU B 161 10.24 3.00 -4.84
CA LEU B 161 9.78 1.89 -5.68
C LEU B 161 9.47 2.31 -7.11
N ASP B 162 10.14 3.34 -7.60
CA ASP B 162 9.91 3.83 -8.96
C ASP B 162 8.43 4.11 -9.23
N ASP B 163 7.66 4.40 -8.19
CA ASP B 163 6.25 4.71 -8.39
C ASP B 163 5.75 5.81 -7.45
N GLY B 164 6.68 6.56 -6.87
CA GLY B 164 6.29 7.65 -5.99
C GLY B 164 5.80 7.25 -4.60
N THR B 165 5.94 5.98 -4.24
CA THR B 165 5.49 5.56 -2.91
C THR B 165 6.73 5.36 -2.03
N SER B 166 7.02 4.13 -1.61
CA SER B 166 8.19 3.91 -0.78
C SER B 166 8.54 2.44 -0.62
N ILE B 167 9.82 2.14 -0.52
CA ILE B 167 10.22 0.77 -0.34
C ILE B 167 10.04 0.45 1.15
N ALA B 168 10.10 1.48 1.99
CA ALA B 168 9.96 1.29 3.44
C ALA B 168 8.66 0.55 3.79
N CYS B 169 7.58 0.86 3.08
CA CYS B 169 6.30 0.22 3.34
C CYS B 169 6.01 -0.93 2.39
N ALA B 170 6.97 -1.31 1.56
CA ALA B 170 6.79 -2.37 0.59
C ALA B 170 6.57 -3.73 1.25
N THR B 171 6.87 -3.82 2.55
CA THR B 171 6.70 -5.06 3.28
C THR B 171 5.21 -5.43 3.40
N ILE B 172 4.32 -4.53 2.96
CA ILE B 172 2.90 -4.81 3.01
C ILE B 172 2.58 -5.86 1.93
N PHE B 173 3.52 -6.06 1.01
CA PHE B 173 3.36 -7.03 -0.07
C PHE B 173 4.07 -8.33 0.32
N PRO B 174 3.68 -9.46 -0.31
CA PRO B 174 4.29 -10.76 -0.02
C PRO B 174 5.80 -10.64 -0.21
N HIS B 175 6.59 -11.05 0.77
CA HIS B 175 8.03 -10.92 0.66
C HIS B 175 8.84 -11.77 1.64
N GLN B 176 10.15 -11.73 1.42
CA GLN B 176 11.13 -12.39 2.28
C GLN B 176 12.37 -11.51 2.10
N TRP B 177 13.42 -11.82 2.84
CA TRP B 177 14.66 -11.08 2.70
C TRP B 177 15.76 -12.10 2.57
N ILE B 178 16.86 -11.68 1.95
CA ILE B 178 18.03 -12.54 1.89
C ILE B 178 19.07 -11.69 2.60
N ASN B 179 19.32 -12.05 3.85
CA ASN B 179 20.30 -11.38 4.70
C ASN B 179 21.44 -12.39 4.72
N LEU B 180 22.53 -12.05 4.02
CA LEU B 180 23.67 -12.95 3.88
C LEU B 180 24.15 -13.74 5.11
N ARG B 181 24.13 -13.15 6.28
CA ARG B 181 24.59 -13.88 7.46
C ARG B 181 23.56 -14.91 7.90
N THR B 182 22.35 -14.81 7.38
CA THR B 182 21.25 -15.70 7.77
C THR B 182 20.85 -16.77 6.75
N ASN B 183 20.52 -16.34 5.54
CA ASN B 183 20.06 -17.27 4.52
C ASN B 183 20.64 -16.97 3.15
N ASN B 184 20.50 -17.91 2.22
CA ASN B 184 21.02 -17.72 0.87
C ASN B 184 19.94 -17.84 -0.21
N SER B 185 18.68 -17.86 0.20
CA SER B 185 17.59 -17.95 -0.76
C SER B 185 16.27 -17.48 -0.17
N ALA B 186 15.36 -17.07 -1.05
CA ALA B 186 14.03 -16.61 -0.66
C ALA B 186 13.05 -17.35 -1.56
N THR B 187 11.93 -17.77 -0.98
CA THR B 187 10.92 -18.51 -1.72
C THR B 187 9.54 -17.91 -1.46
N ILE B 188 8.83 -17.62 -2.54
CA ILE B 188 7.48 -17.05 -2.44
C ILE B 188 6.54 -17.76 -3.41
N VAL B 189 5.41 -18.23 -2.89
CA VAL B 189 4.42 -18.91 -3.72
C VAL B 189 3.32 -17.89 -4.05
N LEU B 190 3.06 -17.68 -5.32
CA LEU B 190 2.06 -16.72 -5.76
C LEU B 190 0.84 -17.35 -6.41
N PRO B 191 -0.35 -16.99 -5.95
CA PRO B 191 -1.59 -17.53 -6.53
C PRO B 191 -1.96 -16.60 -7.67
N TRP B 192 -2.95 -16.98 -8.46
CA TRP B 192 -3.41 -16.12 -9.54
C TRP B 192 -3.88 -14.84 -8.84
N MET B 193 -3.43 -13.69 -9.32
CA MET B 193 -3.81 -12.41 -8.72
C MET B 193 -4.32 -11.48 -9.82
N ASN B 194 -5.63 -11.28 -9.88
CA ASN B 194 -6.22 -10.45 -10.92
C ASN B 194 -7.70 -10.23 -10.58
N VAL B 195 -8.34 -9.30 -11.29
CA VAL B 195 -9.77 -9.04 -11.07
C VAL B 195 -10.60 -9.86 -12.05
N ALA B 196 -9.92 -10.55 -12.96
CA ALA B 196 -10.58 -11.40 -13.96
C ALA B 196 -10.03 -12.82 -13.78
N PRO B 197 -10.83 -13.83 -14.16
CA PRO B 197 -10.36 -15.22 -14.01
C PRO B 197 -9.19 -15.61 -14.91
N MET B 198 -9.04 -14.92 -16.03
CA MET B 198 -7.94 -15.17 -16.97
C MET B 198 -7.56 -13.84 -17.59
N ASP B 199 -6.48 -13.79 -18.35
CA ASP B 199 -6.06 -12.54 -18.98
C ASP B 199 -5.21 -12.77 -20.23
N PHE B 200 -5.01 -11.71 -21.00
CA PHE B 200 -4.18 -11.75 -22.20
C PHE B 200 -2.75 -11.51 -21.67
N PRO B 201 -1.90 -12.54 -21.70
CA PRO B 201 -0.52 -12.48 -21.22
C PRO B 201 0.47 -11.49 -21.81
N LEU B 202 0.23 -11.00 -23.03
CA LEU B 202 1.17 -10.09 -23.67
C LEU B 202 0.99 -8.60 -23.38
N ARG B 203 -0.05 -8.22 -22.67
CA ARG B 203 -0.28 -6.80 -22.40
C ARG B 203 -0.53 -6.44 -20.95
N HIS B 204 -0.53 -7.43 -20.07
CA HIS B 204 -0.77 -7.17 -18.65
C HIS B 204 0.04 -8.10 -17.76
N ASN B 205 0.73 -7.52 -16.78
CA ASN B 205 1.54 -8.32 -15.86
C ASN B 205 0.92 -8.31 -14.46
N GLN B 206 0.50 -9.48 -14.01
CA GLN B 206 -0.11 -9.63 -12.69
C GLN B 206 0.83 -9.31 -11.54
N TRP B 207 2.05 -9.83 -11.61
CA TRP B 207 3.04 -9.63 -10.56
C TRP B 207 4.36 -9.10 -11.06
N THR B 208 5.07 -8.44 -10.14
CA THR B 208 6.41 -7.94 -10.44
C THR B 208 7.31 -8.41 -9.30
N LEU B 209 8.36 -9.16 -9.66
CA LEU B 209 9.31 -9.62 -8.65
C LEU B 209 10.37 -8.52 -8.54
N ALA B 210 10.55 -8.01 -7.33
CA ALA B 210 11.55 -6.97 -7.09
C ALA B 210 12.57 -7.46 -6.08
N VAL B 211 13.85 -7.29 -6.41
CA VAL B 211 14.94 -7.69 -5.53
C VAL B 211 15.76 -6.42 -5.34
N ILE B 212 15.74 -5.87 -4.14
CA ILE B 212 16.42 -4.62 -3.86
C ILE B 212 17.39 -4.68 -2.68
N PRO B 213 18.64 -4.27 -2.90
CA PRO B 213 19.62 -4.28 -1.81
C PRO B 213 19.43 -3.09 -0.88
N VAL B 214 18.73 -3.31 0.23
CA VAL B 214 18.49 -2.24 1.20
C VAL B 214 19.79 -2.01 1.97
N VAL B 215 20.55 -3.07 2.18
CA VAL B 215 21.84 -2.98 2.85
C VAL B 215 22.81 -3.47 1.78
N PRO B 216 23.71 -2.59 1.31
CA PRO B 216 24.68 -2.94 0.27
C PRO B 216 25.65 -4.08 0.59
N LEU B 217 26.11 -4.74 -0.46
CA LEU B 217 27.05 -5.83 -0.34
C LEU B 217 28.38 -5.29 0.17
N GLY B 218 28.96 -5.93 1.18
CA GLY B 218 30.22 -5.47 1.71
C GLY B 218 31.04 -6.57 2.38
N THR B 219 32.36 -6.42 2.32
CA THR B 219 33.28 -7.39 2.93
C THR B 219 34.70 -6.84 2.85
N ARG B 220 35.62 -7.47 3.59
CA ARG B 220 37.01 -7.06 3.53
C ARG B 220 37.84 -8.28 3.13
N THR B 221 37.16 -9.35 2.74
CA THR B 221 37.85 -10.55 2.30
C THR B 221 38.03 -10.48 0.78
N MET B 222 38.56 -11.54 0.19
CA MET B 222 38.77 -11.60 -1.25
C MET B 222 37.51 -11.18 -2.01
N SER B 223 37.66 -10.25 -2.92
CA SER B 223 36.53 -9.78 -3.71
C SER B 223 36.16 -10.80 -4.79
N SER B 224 34.88 -11.11 -4.88
CA SER B 224 34.39 -12.07 -5.89
C SER B 224 33.06 -11.58 -6.47
N VAL B 225 32.74 -12.05 -7.68
CA VAL B 225 31.48 -11.69 -8.30
C VAL B 225 30.40 -12.44 -7.55
N VAL B 226 29.46 -11.70 -6.97
CA VAL B 226 28.35 -12.30 -6.22
C VAL B 226 27.08 -12.16 -7.06
N PRO B 227 26.63 -13.26 -7.66
CA PRO B 227 25.43 -13.20 -8.48
C PRO B 227 24.13 -13.37 -7.71
N ILE B 228 23.04 -12.97 -8.34
CA ILE B 228 21.70 -13.14 -7.79
C ILE B 228 21.00 -13.86 -8.93
N THR B 229 20.35 -14.97 -8.61
CA THR B 229 19.68 -15.75 -9.63
C THR B 229 18.21 -15.96 -9.31
N VAL B 230 17.39 -15.89 -10.35
CA VAL B 230 15.95 -16.05 -10.20
C VAL B 230 15.44 -17.27 -10.97
N SER B 231 14.73 -18.14 -10.26
CA SER B 231 14.13 -19.33 -10.87
C SER B 231 12.65 -19.21 -10.60
N ILE B 232 11.84 -19.35 -11.65
CA ILE B 232 10.39 -19.21 -11.51
C ILE B 232 9.63 -20.36 -12.15
N ALA B 233 8.71 -20.95 -11.39
CA ALA B 233 7.90 -22.05 -11.90
C ALA B 233 6.42 -21.71 -11.96
N PRO B 234 5.85 -21.65 -13.17
CA PRO B 234 4.42 -21.34 -13.26
C PRO B 234 3.71 -22.51 -12.57
N MET B 235 2.52 -22.26 -12.04
CA MET B 235 1.76 -23.31 -11.34
C MET B 235 0.31 -23.33 -11.78
N CYS B 236 -0.21 -24.53 -12.02
CA CYS B 236 -1.58 -24.71 -12.45
C CYS B 236 -1.90 -23.87 -13.69
N CYS B 237 -1.06 -23.98 -14.71
CA CYS B 237 -1.28 -23.22 -15.95
C CYS B 237 -2.50 -23.71 -16.72
N GLU B 238 -3.25 -22.76 -17.25
CA GLU B 238 -4.43 -23.01 -18.05
C GLU B 238 -4.40 -22.00 -19.18
N PHE B 239 -4.78 -22.43 -20.39
CA PHE B 239 -4.79 -21.54 -21.55
C PHE B 239 -6.09 -21.75 -22.32
N ASN B 240 -6.64 -20.65 -22.85
CA ASN B 240 -7.89 -20.67 -23.60
C ASN B 240 -7.74 -19.76 -24.81
N GLY B 241 -8.65 -19.88 -25.77
CA GLY B 241 -8.60 -19.04 -26.95
C GLY B 241 -7.47 -19.39 -27.91
N LEU B 242 -7.37 -20.66 -28.29
CA LEU B 242 -6.33 -21.13 -29.19
C LEU B 242 -6.44 -20.55 -30.60
N ARG B 243 -5.28 -20.23 -31.18
CA ARG B 243 -5.18 -19.68 -32.53
C ARG B 243 -3.74 -19.84 -32.97
N HIS B 244 -3.26 -18.94 -33.83
CA HIS B 244 -1.89 -19.01 -34.30
C HIS B 244 -0.99 -18.24 -33.33
N ALA B 245 0.32 -18.43 -33.46
CA ALA B 245 1.28 -17.77 -32.58
C ALA B 245 1.47 -16.29 -32.91
N ILE B 246 1.45 -15.46 -31.88
CA ILE B 246 1.65 -14.03 -32.08
C ILE B 246 3.14 -13.74 -32.04
N GLY C 1 -53.19 13.59 3.83
CA GLY C 1 -51.75 13.23 3.87
C GLY C 1 -51.22 13.18 5.29
N VAL C 2 -49.91 12.95 5.41
CA VAL C 2 -49.28 12.89 6.72
C VAL C 2 -48.75 14.26 7.11
N PRO C 3 -49.12 14.75 8.30
CA PRO C 3 -48.62 16.07 8.71
C PRO C 3 -47.16 15.93 9.12
N THR C 4 -46.32 16.82 8.62
CA THR C 4 -44.90 16.76 8.92
C THR C 4 -44.31 18.16 9.11
N TYR C 5 -43.05 18.21 9.53
CA TYR C 5 -42.34 19.47 9.69
C TYR C 5 -40.84 19.22 9.52
N LEU C 6 -40.17 20.15 8.86
CA LEU C 6 -38.75 20.02 8.60
C LEU C 6 -37.90 20.46 9.79
N LEU C 7 -36.90 19.65 10.12
CA LEU C 7 -36.01 19.91 11.23
C LEU C 7 -34.75 20.65 10.79
N PRO C 8 -34.04 21.27 11.75
CA PRO C 8 -32.81 21.97 11.38
C PRO C 8 -31.95 20.85 10.78
N GLY C 9 -31.14 21.17 9.78
CA GLY C 9 -30.32 20.14 9.16
C GLY C 9 -30.96 19.69 7.85
N SER C 10 -32.23 20.01 7.67
CA SER C 10 -32.93 19.64 6.45
C SER C 10 -32.30 20.30 5.23
N GLY C 11 -32.08 19.50 4.19
CA GLY C 11 -31.49 20.00 2.96
C GLY C 11 -29.97 20.06 2.92
N GLN C 12 -29.31 19.87 4.06
CA GLN C 12 -27.85 19.94 4.09
C GLN C 12 -27.19 18.72 3.45
N PHE C 13 -25.94 18.90 3.06
CA PHE C 13 -25.15 17.82 2.48
C PHE C 13 -23.94 17.62 3.40
N LEU C 14 -24.03 16.59 4.23
CA LEU C 14 -22.96 16.23 5.17
C LEU C 14 -22.17 15.11 4.49
N THR C 15 -20.89 15.35 4.26
CA THR C 15 -20.05 14.37 3.57
C THR C 15 -19.91 13.02 4.26
N THR C 16 -20.28 12.96 5.53
CA THR C 16 -20.20 11.70 6.27
C THR C 16 -21.59 11.12 6.54
N ASP C 17 -22.62 11.63 5.86
CA ASP C 17 -23.97 11.11 6.09
C ASP C 17 -24.05 9.68 5.54
N ASP C 18 -25.10 8.96 5.90
CA ASP C 18 -25.27 7.58 5.46
C ASP C 18 -26.73 7.28 5.12
N HIS C 19 -27.08 7.44 3.85
CA HIS C 19 -28.45 7.20 3.41
C HIS C 19 -28.44 6.45 2.08
N SER C 20 -29.59 5.92 1.71
CA SER C 20 -29.71 5.24 0.43
C SER C 20 -29.98 6.37 -0.56
N SER C 21 -29.80 6.12 -1.85
CA SER C 21 -30.07 7.15 -2.86
C SER C 21 -30.46 6.48 -4.17
N ALA C 22 -31.15 7.24 -5.02
CA ALA C 22 -31.65 6.75 -6.29
C ALA C 22 -30.67 6.02 -7.19
N PRO C 23 -31.01 4.80 -7.59
CA PRO C 23 -30.11 4.05 -8.46
C PRO C 23 -30.15 4.65 -9.87
N VAL C 24 -28.99 5.00 -10.40
CA VAL C 24 -28.90 5.60 -11.73
C VAL C 24 -29.30 4.64 -12.84
N LEU C 25 -28.88 3.39 -12.70
CA LEU C 25 -29.17 2.37 -13.70
C LEU C 25 -30.07 1.30 -13.11
N PRO C 26 -31.39 1.45 -13.26
CA PRO C 26 -32.29 0.43 -12.71
C PRO C 26 -32.10 -0.92 -13.39
N CYS C 27 -32.26 -1.99 -12.60
CA CYS C 27 -32.13 -3.36 -13.09
C CYS C 27 -30.72 -3.75 -13.55
N PHE C 28 -29.72 -2.97 -13.14
CA PHE C 28 -28.34 -3.28 -13.51
C PHE C 28 -27.85 -4.47 -12.70
N ASN C 29 -27.21 -5.43 -13.37
CA ASN C 29 -26.69 -6.63 -12.73
C ASN C 29 -25.16 -6.56 -12.64
N PRO C 30 -24.63 -6.22 -11.46
CA PRO C 30 -23.18 -6.12 -11.26
C PRO C 30 -22.45 -7.42 -11.55
N THR C 31 -21.19 -7.32 -11.99
CA THR C 31 -20.40 -8.49 -12.30
C THR C 31 -20.32 -9.40 -11.07
N PRO C 32 -20.46 -10.71 -11.26
CA PRO C 32 -20.39 -11.65 -10.15
C PRO C 32 -19.09 -11.49 -9.38
N GLU C 33 -19.14 -11.73 -8.07
CA GLU C 33 -17.94 -11.63 -7.28
C GLU C 33 -17.07 -12.83 -7.55
N MET C 34 -15.77 -12.65 -7.40
CA MET C 34 -14.79 -13.71 -7.61
C MET C 34 -13.85 -13.63 -6.43
N HIS C 35 -13.34 -14.75 -5.98
CA HIS C 35 -12.40 -14.73 -4.86
C HIS C 35 -11.12 -14.07 -5.35
N ILE C 36 -10.60 -13.15 -4.55
CA ILE C 36 -9.34 -12.48 -4.87
C ILE C 36 -8.48 -12.54 -3.62
N PRO C 37 -7.20 -12.89 -3.78
CA PRO C 37 -6.29 -12.97 -2.63
C PRO C 37 -6.07 -11.61 -1.97
N GLY C 38 -5.78 -11.62 -0.66
CA GLY C 38 -5.49 -10.40 0.07
C GLY C 38 -6.59 -9.43 0.45
N GLN C 39 -7.81 -9.91 0.71
CA GLN C 39 -8.87 -9.00 1.11
C GLN C 39 -8.58 -8.42 2.49
N ILE C 40 -8.81 -7.12 2.64
CA ILE C 40 -8.60 -6.45 3.92
C ILE C 40 -9.94 -5.82 4.31
N ARG C 41 -10.34 -6.03 5.55
CA ARG C 41 -11.63 -5.51 6.02
C ARG C 41 -11.53 -4.40 7.07
N ASN C 42 -10.42 -4.33 7.79
CA ASN C 42 -10.22 -3.29 8.79
C ASN C 42 -8.80 -2.77 8.63
N MET C 43 -8.65 -1.45 8.58
CA MET C 43 -7.32 -0.86 8.41
C MET C 43 -6.36 -1.28 9.52
N LEU C 44 -6.88 -1.74 10.65
CA LEU C 44 -6.02 -2.18 11.74
C LEU C 44 -5.18 -3.39 11.29
N GLU C 45 -5.69 -4.11 10.29
CA GLU C 45 -4.97 -5.28 9.77
C GLU C 45 -3.68 -4.85 9.07
N MET C 46 -3.76 -3.71 8.39
CA MET C 46 -2.63 -3.17 7.65
C MET C 46 -1.49 -2.64 8.54
N ILE C 47 -1.85 -1.94 9.62
CA ILE C 47 -0.82 -1.38 10.49
C ILE C 47 -0.12 -2.40 11.38
N GLN C 48 -0.59 -3.65 11.36
CA GLN C 48 0.04 -4.69 12.16
C GLN C 48 1.23 -5.31 11.42
N VAL C 49 1.41 -4.92 10.16
CA VAL C 49 2.53 -5.40 9.37
C VAL C 49 3.68 -4.44 9.65
N GLU C 50 4.84 -4.96 10.01
CA GLU C 50 5.94 -4.05 10.30
C GLU C 50 6.57 -3.50 9.01
N SER C 51 7.01 -2.24 9.08
CA SER C 51 7.62 -1.58 7.94
C SER C 51 8.84 -0.82 8.43
N MET C 52 9.72 -0.44 7.51
CA MET C 52 10.97 0.23 7.84
C MET C 52 10.89 1.66 8.35
N MET C 53 11.55 1.92 9.48
CA MET C 53 11.61 3.25 10.06
C MET C 53 12.78 3.98 9.40
N GLU C 54 12.62 5.28 9.15
CA GLU C 54 13.68 6.06 8.54
C GLU C 54 14.47 6.71 9.68
N ILE C 55 15.23 5.87 10.38
CA ILE C 55 16.02 6.32 11.52
C ILE C 55 17.17 7.27 11.19
N ASN C 56 17.80 7.02 10.05
CA ASN C 56 18.92 7.87 9.63
C ASN C 56 18.45 9.03 8.77
N ASN C 57 17.49 9.79 9.28
CA ASN C 57 16.94 10.94 8.57
C ASN C 57 17.85 12.15 8.84
N THR C 58 19.03 12.11 8.24
CA THR C 58 20.02 13.17 8.44
C THR C 58 20.59 13.71 7.13
N ASP C 59 21.07 14.94 7.15
CA ASP C 59 21.64 15.55 5.96
C ASP C 59 22.88 14.75 5.57
N GLY C 60 22.97 14.39 4.30
CA GLY C 60 24.10 13.60 3.86
C GLY C 60 23.70 12.16 3.62
N ALA C 61 22.57 11.77 4.19
CA ALA C 61 22.05 10.42 4.00
C ALA C 61 21.02 10.54 2.88
N ASN C 62 21.24 9.84 1.78
CA ASN C 62 20.34 9.92 0.64
C ASN C 62 19.60 8.62 0.34
N GLY C 63 18.31 8.76 0.02
CA GLY C 63 17.50 7.62 -0.32
C GLY C 63 17.54 6.49 0.71
N MET C 64 17.86 5.29 0.24
CA MET C 64 17.88 4.13 1.12
C MET C 64 18.90 4.16 2.25
N GLU C 65 19.88 5.04 2.16
CA GLU C 65 20.87 5.16 3.23
C GLU C 65 20.14 5.61 4.50
N ARG C 66 19.01 6.28 4.32
CA ARG C 66 18.23 6.79 5.45
C ARG C 66 17.46 5.69 6.16
N LEU C 67 17.32 4.53 5.51
CA LEU C 67 16.57 3.41 6.08
C LEU C 67 17.40 2.41 6.88
N ARG C 68 18.68 2.70 7.06
CA ARG C 68 19.51 1.80 7.84
C ARG C 68 20.43 2.58 8.76
N VAL C 69 20.71 2.01 9.93
CA VAL C 69 21.58 2.65 10.90
C VAL C 69 22.87 1.86 10.98
N ASP C 70 23.98 2.51 10.67
CA ASP C 70 25.28 1.85 10.70
C ASP C 70 25.91 1.92 12.08
N ILE C 71 26.42 0.79 12.54
CA ILE C 71 27.10 0.76 13.83
C ILE C 71 28.51 0.27 13.55
N SER C 72 29.48 0.80 14.29
CA SER C 72 30.87 0.42 14.09
C SER C 72 31.48 -0.14 15.37
N VAL C 73 32.64 -0.78 15.21
CA VAL C 73 33.36 -1.32 16.35
C VAL C 73 33.77 -0.08 17.16
N GLN C 74 33.43 -0.06 18.44
CA GLN C 74 33.74 1.09 19.29
C GLN C 74 35.09 0.97 20.00
N ALA C 75 35.63 2.13 20.37
CA ALA C 75 36.88 2.19 21.10
C ALA C 75 36.57 2.43 22.57
N ASP C 76 35.41 3.00 22.85
CA ASP C 76 34.99 3.28 24.23
C ASP C 76 33.84 2.36 24.63
N LEU C 77 33.55 2.34 25.93
CA LEU C 77 32.49 1.47 26.45
C LEU C 77 31.12 2.16 26.62
N ASP C 78 30.08 1.34 26.75
CA ASP C 78 28.71 1.81 26.95
C ASP C 78 28.26 2.93 25.99
N GLN C 79 28.75 2.89 24.76
CA GLN C 79 28.41 3.93 23.78
C GLN C 79 26.97 4.03 23.28
N LEU C 80 26.49 5.27 23.22
CA LEU C 80 25.15 5.57 22.70
C LEU C 80 25.28 5.44 21.18
N LEU C 81 24.38 4.69 20.56
CA LEU C 81 24.45 4.50 19.11
C LEU C 81 23.44 5.35 18.34
N PHE C 82 22.22 5.46 18.87
CA PHE C 82 21.18 6.26 18.23
C PHE C 82 19.93 6.30 19.09
N ASN C 83 19.05 7.25 18.79
CA ASN C 83 17.79 7.33 19.51
C ASN C 83 16.71 7.54 18.45
N ILE C 84 15.45 7.40 18.86
CA ILE C 84 14.34 7.53 17.92
C ILE C 84 13.17 8.26 18.53
N PRO C 85 12.75 9.40 17.94
CA PRO C 85 11.61 10.13 18.49
C PRO C 85 10.39 9.23 18.27
N LEU C 86 9.47 9.22 19.23
CA LEU C 86 8.31 8.33 19.17
C LEU C 86 6.90 8.79 18.79
N ASP C 87 6.70 10.03 18.38
CA ASP C 87 5.33 10.42 18.05
C ASP C 87 4.93 9.98 16.63
N ILE C 88 4.19 8.89 16.54
CA ILE C 88 3.75 8.35 15.26
C ILE C 88 2.77 9.31 14.58
N GLN C 89 2.56 10.46 15.20
CA GLN C 89 1.64 11.46 14.64
C GLN C 89 2.39 12.71 14.18
N LEU C 90 3.72 12.66 14.21
CA LEU C 90 4.54 13.80 13.80
C LEU C 90 5.63 13.35 12.84
N ASP C 91 6.27 14.31 12.16
CA ASP C 91 7.31 13.93 11.21
C ASP C 91 8.55 13.45 11.95
N GLY C 92 9.05 12.31 11.49
CA GLY C 92 10.22 11.71 12.11
C GLY C 92 10.36 10.31 11.56
N PRO C 93 11.33 9.54 12.06
CA PRO C 93 11.56 8.16 11.60
C PRO C 93 10.32 7.28 11.50
N LEU C 94 9.29 7.55 12.30
CA LEU C 94 8.09 6.71 12.27
C LEU C 94 6.98 7.14 11.33
N ARG C 95 7.06 8.35 10.80
CA ARG C 95 5.99 8.85 9.95
C ARG C 95 5.69 8.08 8.67
N ASN C 96 6.73 7.76 7.88
CA ASN C 96 6.46 7.03 6.65
C ASN C 96 6.53 5.52 6.82
N THR C 97 5.65 5.00 7.68
CA THR C 97 5.56 3.57 7.93
C THR C 97 4.09 3.22 7.73
N LEU C 98 3.77 1.94 7.70
CA LEU C 98 2.37 1.57 7.52
C LEU C 98 1.56 2.09 8.69
N VAL C 99 2.03 1.86 9.92
CA VAL C 99 1.29 2.33 11.09
C VAL C 99 1.26 3.85 11.14
N GLY C 100 2.38 4.49 10.80
CA GLY C 100 2.43 5.94 10.83
C GLY C 100 1.51 6.60 9.79
N ASN C 101 1.56 6.13 8.56
CA ASN C 101 0.74 6.69 7.49
C ASN C 101 -0.76 6.56 7.75
N ILE C 102 -1.20 5.36 8.13
CA ILE C 102 -2.62 5.13 8.39
C ILE C 102 -3.07 5.87 9.65
N SER C 103 -2.23 5.86 10.68
CA SER C 103 -2.57 6.55 11.93
C SER C 103 -2.79 8.04 11.69
N ARG C 104 -2.05 8.60 10.73
CA ARG C 104 -2.18 10.02 10.45
C ARG C 104 -3.44 10.41 9.69
N TYR C 105 -4.32 9.42 9.46
CA TYR C 105 -5.61 9.67 8.83
C TYR C 105 -6.58 9.76 10.00
N TYR C 106 -6.04 9.64 11.20
CA TYR C 106 -6.83 9.71 12.42
C TYR C 106 -6.20 10.69 13.41
N THR C 107 -6.88 10.93 14.52
CA THR C 107 -6.40 11.90 15.51
C THR C 107 -6.09 11.29 16.87
N HIS C 108 -6.77 10.21 17.20
CA HIS C 108 -6.58 9.54 18.48
C HIS C 108 -6.05 8.14 18.27
N TRP C 109 -5.19 7.68 19.17
CA TRP C 109 -4.65 6.34 19.06
C TRP C 109 -4.36 5.73 20.43
N SER C 110 -4.36 4.41 20.47
CA SER C 110 -4.12 3.67 21.70
C SER C 110 -3.63 2.28 21.33
N GLY C 111 -2.71 1.74 22.13
CA GLY C 111 -2.20 0.41 21.84
C GLY C 111 -0.69 0.30 21.92
N SER C 112 -0.20 -0.93 21.94
CA SER C 112 1.23 -1.17 22.02
C SER C 112 1.84 -1.17 20.62
N LEU C 113 3.08 -0.71 20.55
CA LEU C 113 3.83 -0.68 19.30
C LEU C 113 4.95 -1.68 19.46
N GLU C 114 5.50 -2.16 18.35
CA GLU C 114 6.61 -3.08 18.43
C GLU C 114 7.67 -2.67 17.43
N MET C 115 8.91 -2.61 17.90
CA MET C 115 10.03 -2.26 17.05
C MET C 115 10.92 -3.49 16.94
N THR C 116 11.15 -3.92 15.71
CA THR C 116 12.00 -5.06 15.47
C THR C 116 13.22 -4.60 14.68
N PHE C 117 14.40 -5.02 15.11
CA PHE C 117 15.62 -4.64 14.41
C PHE C 117 16.30 -5.89 13.87
N MET C 118 16.75 -5.82 12.62
CA MET C 118 17.45 -6.94 12.01
C MET C 118 18.90 -6.55 11.81
N PHE C 119 19.82 -7.35 12.35
CA PHE C 119 21.24 -7.07 12.20
C PHE C 119 21.68 -7.61 10.85
N CYS C 120 22.30 -6.76 10.04
CA CYS C 120 22.72 -7.16 8.71
C CYS C 120 24.23 -7.16 8.47
N GLY C 121 24.99 -7.44 9.53
CA GLY C 121 26.43 -7.52 9.38
C GLY C 121 26.74 -8.91 8.86
N SER C 122 28.01 -9.31 8.88
CA SER C 122 28.38 -10.63 8.41
C SER C 122 28.16 -11.67 9.50
N PHE C 123 28.18 -12.94 9.12
CA PHE C 123 27.99 -14.02 10.08
C PHE C 123 29.06 -14.02 11.17
N MET C 124 30.28 -13.66 10.81
CA MET C 124 31.39 -13.65 11.76
C MET C 124 31.34 -12.48 12.75
N ALA C 125 30.40 -11.56 12.54
CA ALA C 125 30.27 -10.40 13.42
C ALA C 125 29.38 -10.74 14.62
N THR C 126 29.80 -10.31 15.81
CA THR C 126 29.02 -10.57 17.01
C THR C 126 28.79 -9.27 17.77
N GLY C 127 27.92 -9.33 18.76
CA GLY C 127 27.65 -8.15 19.55
C GLY C 127 26.39 -8.21 20.37
N LYS C 128 26.29 -7.32 21.35
CA LYS C 128 25.13 -7.23 22.20
C LYS C 128 24.74 -5.76 22.28
N LEU C 129 23.46 -5.48 22.08
CA LEU C 129 22.95 -4.11 22.14
C LEU C 129 21.83 -4.08 23.17
N ILE C 130 21.51 -2.89 23.65
CA ILE C 130 20.41 -2.75 24.58
C ILE C 130 19.50 -1.68 24.00
N LEU C 131 18.24 -2.03 23.81
CA LEU C 131 17.25 -1.11 23.26
C LEU C 131 16.33 -0.73 24.41
N CYS C 132 16.19 0.58 24.63
CA CYS C 132 15.38 1.06 25.76
C CYS C 132 14.23 1.99 25.39
N TYR C 133 13.10 1.76 26.06
CA TYR C 133 11.94 2.62 25.89
C TYR C 133 11.78 3.34 27.21
N THR C 134 11.84 4.67 27.15
CA THR C 134 11.72 5.51 28.32
C THR C 134 10.38 6.25 28.32
N PRO C 135 9.47 5.90 29.25
CA PRO C 135 8.17 6.58 29.29
C PRO C 135 8.43 8.08 29.48
N PRO C 136 7.49 8.94 29.02
CA PRO C 136 7.63 10.39 29.13
C PRO C 136 7.81 11.00 30.51
N GLY C 137 8.23 12.26 30.52
CA GLY C 137 8.41 12.95 31.77
C GLY C 137 9.64 13.84 31.77
N GLY C 138 10.76 13.32 31.30
CA GLY C 138 11.96 14.12 31.28
C GLY C 138 12.64 14.22 29.94
N SER C 139 13.92 14.56 30.00
CA SER C 139 14.76 14.69 28.83
C SER C 139 15.24 13.31 28.40
N CYS C 140 15.49 13.13 27.11
CA CYS C 140 15.94 11.84 26.60
C CYS C 140 17.25 11.41 27.24
N PRO C 141 17.33 10.16 27.73
CA PRO C 141 18.57 9.69 28.36
C PRO C 141 19.73 9.66 27.36
N THR C 142 20.92 10.00 27.85
CA THR C 142 22.12 10.02 27.01
C THR C 142 23.18 9.04 27.49
N THR C 143 22.90 8.33 28.57
CA THR C 143 23.83 7.33 29.09
C THR C 143 23.10 6.03 29.33
N ARG C 144 23.80 4.91 29.16
CA ARG C 144 23.19 3.61 29.34
C ARG C 144 22.67 3.40 30.76
N GLU C 145 23.40 3.89 31.76
CA GLU C 145 23.00 3.76 33.16
C GLU C 145 21.62 4.36 33.42
N THR C 146 21.26 5.36 32.63
CA THR C 146 19.97 6.01 32.78
C THR C 146 18.90 5.32 31.92
N ALA C 147 19.21 5.05 30.66
CA ALA C 147 18.25 4.42 29.76
C ALA C 147 17.86 3.03 30.26
N MET C 148 18.84 2.33 30.80
CA MET C 148 18.69 0.99 31.33
C MET C 148 17.57 0.86 32.39
N LEU C 149 17.22 1.97 33.02
CA LEU C 149 16.19 2.00 34.05
C LEU C 149 14.77 1.87 33.49
N GLY C 150 14.63 2.06 32.18
CA GLY C 150 13.32 1.96 31.55
C GLY C 150 13.05 0.57 30.98
N THR C 151 12.00 0.47 30.17
CA THR C 151 11.63 -0.79 29.55
C THR C 151 12.73 -1.10 28.54
N HIS C 152 13.22 -2.34 28.53
CA HIS C 152 14.27 -2.66 27.58
C HIS C 152 14.46 -4.14 27.28
N ILE C 153 15.26 -4.39 26.25
CA ILE C 153 15.60 -5.73 25.81
C ILE C 153 17.09 -5.74 25.46
N VAL C 154 17.84 -6.70 26.01
CA VAL C 154 19.25 -6.82 25.68
C VAL C 154 19.30 -7.81 24.53
N TRP C 155 19.85 -7.37 23.41
CA TRP C 155 19.93 -8.15 22.20
C TRP C 155 21.30 -8.77 21.91
N ASP C 156 21.31 -10.08 21.73
CA ASP C 156 22.54 -10.81 21.42
C ASP C 156 22.48 -11.26 19.96
N PHE C 157 23.44 -10.81 19.15
CA PHE C 157 23.45 -11.20 17.72
C PHE C 157 23.70 -12.70 17.62
N GLY C 158 23.00 -13.36 16.69
CA GLY C 158 23.16 -14.79 16.51
C GLY C 158 22.33 -15.31 15.35
N LEU C 159 22.04 -16.61 15.34
CA LEU C 159 21.24 -17.20 14.27
C LEU C 159 19.93 -16.46 14.08
N GLN C 160 19.18 -16.24 15.16
CA GLN C 160 17.94 -15.49 15.05
C GLN C 160 18.46 -14.07 14.85
N SER C 161 18.27 -13.53 13.67
CA SER C 161 18.78 -12.21 13.29
C SER C 161 18.10 -10.97 13.85
N SER C 162 16.87 -11.10 14.33
CA SER C 162 16.14 -9.93 14.78
C SER C 162 15.64 -9.95 16.22
N ILE C 163 15.57 -8.76 16.80
CA ILE C 163 15.10 -8.61 18.17
C ILE C 163 13.89 -7.69 18.15
N THR C 164 12.99 -7.88 19.11
CA THR C 164 11.81 -7.04 19.20
C THR C 164 11.74 -6.33 20.53
N LEU C 165 11.57 -5.01 20.47
CA LEU C 165 11.41 -4.18 21.65
C LEU C 165 9.93 -3.85 21.65
N ILE C 166 9.21 -4.23 22.69
CA ILE C 166 7.80 -3.88 22.74
C ILE C 166 7.67 -2.53 23.43
N ILE C 167 6.90 -1.63 22.84
CA ILE C 167 6.66 -0.33 23.44
C ILE C 167 5.22 -0.49 23.94
N PRO C 168 5.07 -1.02 25.16
CA PRO C 168 3.75 -1.23 25.74
C PRO C 168 2.96 0.05 25.88
N TRP C 169 1.64 -0.06 25.75
CA TRP C 169 0.79 1.10 25.91
C TRP C 169 0.83 1.51 27.37
N ILE C 170 1.51 2.61 27.64
CA ILE C 170 1.61 3.14 29.00
C ILE C 170 1.19 4.60 28.87
N SER C 171 -0.04 4.86 29.27
CA SER C 171 -0.61 6.19 29.17
C SER C 171 -1.60 6.38 30.31
N GLY C 172 -1.76 7.61 30.75
CA GLY C 172 -2.71 7.88 31.82
C GLY C 172 -4.11 7.83 31.23
N SER C 173 -4.29 8.46 30.07
CA SER C 173 -5.58 8.50 29.39
C SER C 173 -5.75 7.30 28.46
N HIS C 174 -7.00 6.95 28.19
CA HIS C 174 -7.29 5.83 27.30
C HIS C 174 -6.62 6.00 25.94
N TYR C 175 -6.64 7.22 25.41
CA TYR C 175 -6.01 7.50 24.11
C TYR C 175 -5.05 8.65 24.19
N ARG C 176 -4.16 8.71 23.21
CA ARG C 176 -3.22 9.82 23.07
C ARG C 176 -3.75 10.51 21.82
N MET C 177 -3.36 11.75 21.60
CA MET C 177 -3.85 12.46 20.42
C MET C 177 -2.79 13.35 19.81
N PHE C 178 -3.06 13.77 18.57
CA PHE C 178 -2.18 14.67 17.85
C PHE C 178 -2.79 16.05 17.99
N ASN C 179 -1.96 17.07 18.20
CA ASN C 179 -2.47 18.44 18.28
C ASN C 179 -1.36 19.39 17.86
N SER C 180 -0.39 18.83 17.15
CA SER C 180 0.79 19.54 16.63
C SER C 180 1.77 20.01 17.69
N ASP C 181 1.51 19.70 18.96
CA ASP C 181 2.42 20.06 20.04
C ASP C 181 3.06 18.77 20.55
N ALA C 182 4.28 18.50 20.10
CA ALA C 182 5.00 17.28 20.49
C ALA C 182 5.27 17.14 21.98
N LYS C 183 5.21 18.23 22.72
CA LYS C 183 5.49 18.16 24.15
C LYS C 183 4.24 18.13 25.03
N SER C 184 3.07 18.04 24.40
CA SER C 184 1.80 17.98 25.12
C SER C 184 1.71 16.71 25.97
N THR C 185 1.09 16.79 27.15
CA THR C 185 0.99 15.61 28.01
C THR C 185 0.14 14.50 27.41
N ASN C 186 -0.68 14.83 26.41
CA ASN C 186 -1.52 13.81 25.78
C ASN C 186 -0.96 13.35 24.45
N ALA C 187 0.27 13.75 24.14
CA ALA C 187 0.87 13.37 22.87
C ALA C 187 2.22 12.65 23.00
N ASN C 188 3.11 13.20 23.82
CA ASN C 188 4.45 12.64 23.99
C ASN C 188 4.43 11.19 24.50
N VAL C 189 5.09 10.31 23.76
CA VAL C 189 5.14 8.89 24.07
C VAL C 189 6.38 8.49 24.86
N GLY C 190 7.40 9.33 24.83
CA GLY C 190 8.63 9.01 25.53
C GLY C 190 9.73 8.85 24.49
N TYR C 191 10.75 8.06 24.79
CA TYR C 191 11.87 7.89 23.86
C TYR C 191 12.35 6.44 23.72
N VAL C 192 13.07 6.20 22.62
CA VAL C 192 13.69 4.92 22.39
C VAL C 192 15.17 5.24 22.14
N THR C 193 16.05 4.56 22.86
CA THR C 193 17.49 4.77 22.70
C THR C 193 18.16 3.42 22.56
N CYS C 194 19.32 3.41 21.91
CA CYS C 194 20.06 2.18 21.71
C CYS C 194 21.54 2.39 22.05
N PHE C 195 22.05 1.54 22.94
CA PHE C 195 23.45 1.61 23.35
C PHE C 195 24.12 0.27 23.13
N MET C 196 25.44 0.28 23.11
CA MET C 196 26.19 -0.96 23.01
C MET C 196 26.03 -1.60 24.40
N GLN C 197 25.74 -2.89 24.46
CA GLN C 197 25.66 -3.54 25.77
C GLN C 197 27.11 -3.97 26.00
N THR C 198 27.72 -4.55 24.96
CA THR C 198 29.14 -4.92 25.00
C THR C 198 29.79 -4.10 23.88
N ASN C 199 29.92 -4.70 22.69
CA ASN C 199 30.50 -4.00 21.55
C ASN C 199 30.31 -4.85 20.30
N LEU C 200 30.40 -4.21 19.14
CA LEU C 200 30.31 -4.94 17.87
C LEU C 200 31.72 -5.45 17.67
N ILE C 201 31.88 -6.75 17.49
CA ILE C 201 33.21 -7.31 17.31
C ILE C 201 33.26 -8.17 16.06
N VAL C 202 34.22 -7.89 15.18
CA VAL C 202 34.36 -8.61 13.93
C VAL C 202 35.81 -8.92 13.60
N PRO C 203 36.06 -9.97 12.80
CA PRO C 203 37.42 -10.34 12.42
C PRO C 203 37.90 -9.43 11.28
N SER C 204 39.18 -9.53 10.94
CA SER C 204 39.79 -8.70 9.90
C SER C 204 39.12 -8.67 8.54
N GLU C 205 38.56 -9.79 8.11
CA GLU C 205 37.94 -9.84 6.78
C GLU C 205 36.45 -9.53 6.71
N SER C 206 35.85 -9.22 7.86
CA SER C 206 34.45 -8.84 7.89
C SER C 206 34.46 -7.31 7.90
N SER C 207 33.41 -6.70 7.36
CA SER C 207 33.32 -5.24 7.36
C SER C 207 33.24 -4.84 8.83
N ASP C 208 33.91 -3.76 9.22
CA ASP C 208 33.86 -3.33 10.61
C ASP C 208 32.79 -2.27 10.88
N THR C 209 31.93 -2.05 9.88
CA THR C 209 30.81 -1.13 10.00
C THR C 209 29.64 -1.95 9.48
N CYS C 210 28.63 -2.16 10.31
CA CYS C 210 27.47 -2.96 9.93
C CYS C 210 26.17 -2.16 10.06
N SER C 211 25.15 -2.59 9.33
CA SER C 211 23.87 -1.90 9.37
C SER C 211 22.77 -2.67 10.07
N LEU C 212 21.85 -1.91 10.66
CA LEU C 212 20.68 -2.46 11.31
C LEU C 212 19.52 -1.85 10.52
N ILE C 213 18.42 -2.58 10.40
CA ILE C 213 17.24 -2.05 9.75
C ILE C 213 16.18 -2.15 10.84
N GLY C 214 15.56 -1.02 11.17
CA GLY C 214 14.54 -1.04 12.19
C GLY C 214 13.16 -1.00 11.58
N PHE C 215 12.26 -1.82 12.12
CA PHE C 215 10.88 -1.89 11.65
C PHE C 215 9.96 -1.58 12.82
N ILE C 216 8.75 -1.13 12.51
CA ILE C 216 7.78 -0.84 13.54
C ILE C 216 6.40 -1.27 13.07
N ALA C 217 5.54 -1.61 14.02
CA ALA C 217 4.18 -2.04 13.73
C ALA C 217 3.34 -1.94 14.99
N ALA C 218 2.03 -1.95 14.81
CA ALA C 218 1.11 -1.90 15.93
C ALA C 218 0.76 -3.35 16.30
N LYS C 219 0.42 -3.58 17.56
CA LYS C 219 0.01 -4.92 18.00
C LYS C 219 -1.52 -4.92 17.85
N ASP C 220 -2.18 -6.05 18.12
CA ASP C 220 -3.62 -6.09 17.96
C ASP C 220 -4.43 -5.47 19.11
N ASP C 221 -3.76 -4.74 19.99
CA ASP C 221 -4.47 -4.07 21.08
C ASP C 221 -4.57 -2.59 20.70
N PHE C 222 -4.30 -2.31 19.42
CA PHE C 222 -4.32 -0.95 18.88
C PHE C 222 -5.71 -0.48 18.49
N SER C 223 -5.93 0.83 18.52
CA SER C 223 -7.22 1.42 18.16
C SER C 223 -6.98 2.85 17.66
N LEU C 224 -7.68 3.24 16.60
CA LEU C 224 -7.55 4.59 16.04
C LEU C 224 -8.92 5.26 15.98
N ARG C 225 -8.97 6.57 16.26
CA ARG C 225 -10.24 7.29 16.23
C ARG C 225 -10.13 8.68 15.63
N LEU C 226 -11.29 9.20 15.25
CA LEU C 226 -11.46 10.54 14.69
C LEU C 226 -10.76 10.80 13.37
N MET C 227 -11.37 10.33 12.29
CA MET C 227 -10.83 10.49 10.95
C MET C 227 -10.61 11.95 10.58
N ARG C 228 -9.51 12.19 9.88
CA ARG C 228 -9.16 13.53 9.42
C ARG C 228 -8.36 13.38 8.13
N ASP C 229 -8.23 14.47 7.39
CA ASP C 229 -7.45 14.42 6.16
C ASP C 229 -5.99 14.29 6.53
N SER C 230 -5.25 13.48 5.77
CA SER C 230 -3.84 13.28 6.04
C SER C 230 -2.99 14.48 5.65
N PRO C 231 -2.02 14.84 6.49
CA PRO C 231 -1.14 15.98 6.21
C PRO C 231 -0.01 15.56 5.25
N ASP C 232 0.01 14.30 4.88
CA ASP C 232 1.08 13.80 4.02
C ASP C 232 0.92 13.97 2.51
N ILE C 233 -0.17 14.61 2.09
CA ILE C 233 -0.39 14.83 0.66
C ILE C 233 -1.18 16.13 0.51
N GLY C 234 -0.93 16.85 -0.58
CA GLY C 234 -1.62 18.10 -0.82
C GLY C 234 -1.36 18.60 -2.23
N GLN C 235 -2.15 19.56 -2.68
CA GLN C 235 -1.94 20.11 -4.02
C GLN C 235 -2.21 21.61 -4.06
N SER C 236 -1.46 22.31 -4.91
CA SER C 236 -1.61 23.75 -5.06
C SER C 236 -2.31 24.07 -6.38
N ASN C 237 -2.04 23.25 -7.38
CA ASN C 237 -2.65 23.45 -8.70
C ASN C 237 -3.34 22.19 -9.17
N HIS C 238 -3.91 22.26 -10.37
CA HIS C 238 -4.56 21.12 -10.98
C HIS C 238 -3.43 20.19 -11.38
N LEU C 239 -3.67 18.89 -11.34
CA LEU C 239 -2.64 17.97 -11.76
C LEU C 239 -2.60 18.02 -13.27
N HIS C 240 -1.46 17.64 -13.85
CA HIS C 240 -1.33 17.61 -15.30
C HIS C 240 -2.40 16.69 -15.86
N GLY C 241 -3.06 17.13 -16.93
CA GLY C 241 -4.08 16.30 -17.54
C GLY C 241 -5.47 16.39 -16.94
N ALA C 242 -5.59 17.00 -15.77
CA ALA C 242 -6.89 17.12 -15.10
C ALA C 242 -7.88 17.91 -15.96
N GLU C 243 -7.43 19.03 -16.49
CA GLU C 243 -8.31 19.86 -17.31
C GLU C 243 -8.63 19.21 -18.66
N ALA C 244 -7.71 18.37 -19.14
CA ALA C 244 -7.93 17.69 -20.41
C ALA C 244 -9.09 16.70 -20.31
N ALA C 245 -9.48 16.36 -19.08
CA ALA C 245 -10.59 15.43 -18.88
C ALA C 245 -11.89 16.11 -19.30
N TYR C 246 -11.83 17.43 -19.49
CA TYR C 246 -12.99 18.23 -19.90
C TYR C 246 -12.94 18.56 -21.39
N GLN C 247 -11.93 18.05 -22.08
CA GLN C 247 -11.78 18.32 -23.51
C GLN C 247 -11.87 17.03 -24.32
N ASN D 30 -34.14 0.35 2.87
CA ASN D 30 -33.99 0.71 1.43
C ASN D 30 -35.32 0.59 0.69
N PHE D 31 -35.88 1.74 0.28
CA PHE D 31 -37.16 1.75 -0.43
C PHE D 31 -36.98 1.66 -1.94
N TYR D 32 -35.73 1.63 -2.39
CA TYR D 32 -35.43 1.52 -3.80
C TYR D 32 -35.46 0.05 -4.18
N LYS D 33 -35.73 -0.23 -5.46
CA LYS D 33 -35.81 -1.61 -5.91
C LYS D 33 -34.46 -2.27 -6.18
N ASP D 34 -33.42 -1.47 -6.36
CA ASP D 34 -32.08 -2.00 -6.62
C ASP D 34 -31.30 -2.01 -5.31
N SER D 35 -30.81 -3.17 -4.91
CA SER D 35 -30.09 -3.30 -3.66
C SER D 35 -28.83 -2.44 -3.56
N TYR D 36 -28.19 -2.14 -4.69
CA TYR D 36 -26.97 -1.33 -4.64
C TYR D 36 -27.22 0.11 -4.24
N ALA D 37 -28.50 0.50 -4.17
CA ALA D 37 -28.87 1.86 -3.78
C ALA D 37 -28.91 2.04 -2.27
N ALA D 38 -28.90 0.93 -1.54
CA ALA D 38 -28.95 0.94 -0.08
C ALA D 38 -27.87 1.77 0.61
N SER D 39 -28.08 2.05 1.89
CA SER D 39 -27.11 2.81 2.67
C SER D 39 -25.90 1.91 2.91
N ALA D 40 -24.85 2.47 3.51
CA ALA D 40 -23.63 1.72 3.75
C ALA D 40 -23.77 0.47 4.60
N SER D 41 -22.79 -0.43 4.48
CA SER D 41 -22.79 -1.66 5.27
C SER D 41 -21.55 -1.64 6.15
N LYS D 42 -21.73 -1.13 7.37
CA LYS D 42 -20.65 -0.98 8.34
C LYS D 42 -20.70 -2.07 9.41
N GLN D 43 -21.02 -3.29 9.02
CA GLN D 43 -21.14 -4.36 10.00
C GLN D 43 -20.23 -5.56 9.78
N ASP D 44 -19.22 -5.45 8.91
CA ASP D 44 -18.34 -6.57 8.68
C ASP D 44 -17.08 -6.52 9.55
N PHE D 45 -17.18 -7.13 10.73
CA PHE D 45 -16.09 -7.15 11.69
C PHE D 45 -15.10 -8.32 11.56
N SER D 46 -15.20 -9.07 10.47
CA SER D 46 -14.28 -10.20 10.25
C SER D 46 -12.90 -9.67 9.91
N GLN D 47 -11.87 -10.35 10.38
CA GLN D 47 -10.49 -9.96 10.13
C GLN D 47 -9.60 -11.20 10.06
N ASP D 48 -8.48 -11.06 9.37
CA ASP D 48 -7.49 -12.14 9.28
C ASP D 48 -6.15 -11.49 8.96
N PRO D 49 -5.57 -10.79 9.93
CA PRO D 49 -4.28 -10.10 9.80
C PRO D 49 -3.15 -11.02 9.33
N SER D 50 -3.21 -12.28 9.75
CA SER D 50 -2.15 -13.24 9.41
C SER D 50 -1.87 -13.39 7.91
N LYS D 51 -2.83 -13.04 7.06
CA LYS D 51 -2.56 -13.15 5.63
C LYS D 51 -1.53 -12.10 5.22
N PHE D 52 -1.34 -11.09 6.06
CA PHE D 52 -0.37 -10.03 5.81
C PHE D 52 0.81 -10.10 6.78
N THR D 53 0.51 -10.43 8.04
CA THR D 53 1.54 -10.50 9.09
C THR D 53 2.31 -11.81 9.18
N GLU D 54 1.68 -12.93 8.82
CA GLU D 54 2.35 -14.21 8.89
C GLU D 54 2.00 -15.13 7.73
N PRO D 55 2.35 -14.72 6.51
CA PRO D 55 2.05 -15.53 5.32
C PRO D 55 3.07 -16.65 5.11
N VAL D 56 3.61 -17.19 6.21
CA VAL D 56 4.58 -18.27 6.11
C VAL D 56 3.87 -19.61 6.08
N VAL D 57 4.39 -20.53 5.27
CA VAL D 57 3.79 -21.85 5.12
C VAL D 57 3.77 -22.65 6.41
N GLU D 58 4.84 -22.54 7.20
CA GLU D 58 4.92 -23.26 8.46
C GLU D 58 4.76 -22.28 9.62
N GLY D 59 3.68 -22.45 10.37
CA GLY D 59 3.39 -21.58 11.50
C GLY D 59 4.51 -21.43 12.51
N LEU D 60 4.70 -20.21 13.00
CA LEU D 60 5.74 -19.92 13.98
C LEU D 60 5.17 -20.02 15.40
N LYS D 61 5.75 -20.89 16.22
CA LYS D 61 5.30 -21.08 17.60
C LYS D 61 5.92 -20.06 18.57
N ALA D 62 5.10 -19.56 19.47
CA ALA D 62 5.53 -18.58 20.47
C ALA D 62 6.71 -19.06 21.32
N GLY D 63 7.73 -18.22 21.44
CA GLY D 63 8.89 -18.56 22.25
C GLY D 63 9.95 -19.40 21.57
N ALA D 64 9.53 -20.28 20.66
CA ALA D 64 10.47 -21.14 19.95
C ALA D 64 11.30 -20.39 18.93
N PRO D 65 12.60 -20.74 18.79
CA PRO D 65 13.47 -20.08 17.81
C PRO D 65 12.82 -20.16 16.43
N VAL D 66 12.74 -19.03 15.75
CA VAL D 66 12.11 -18.98 14.42
C VAL D 66 12.84 -19.86 13.40
N LEU D 67 14.17 -19.87 13.47
CA LEU D 67 14.96 -20.67 12.56
C LEU D 67 15.66 -21.80 13.31
C1 NAG E . 6.58 25.29 12.34
C2 NAG E . 6.05 23.84 12.27
C3 NAG E . 7.24 22.89 12.09
C4 NAG E . 7.99 23.27 10.79
C5 NAG E . 8.46 24.75 10.92
C6 NAG E . 9.19 25.18 9.63
C7 NAG E . 3.94 23.40 13.63
C8 NAG E . 3.06 23.68 12.38
N2 NAG E . 5.30 23.49 13.51
O1 NAG E . 5.47 26.21 12.51
O3 NAG E . 6.78 21.54 12.03
O4 NAG E . 9.15 22.43 10.58
O5 NAG E . 7.32 25.63 11.13
O6 NAG E . 9.63 26.53 9.78
O7 NAG E . 3.38 23.11 14.68
C1 GAL E . 8.97 21.45 9.51
C2 GAL E . 10.26 20.64 9.34
C3 GAL E . 10.07 19.61 8.22
C4 GAL E . 8.90 18.68 8.58
C5 GAL E . 7.62 19.53 8.78
C6 GAL E . 6.43 18.65 9.19
O2 GAL E . 11.34 21.54 9.03
O3 GAL E . 11.27 18.85 8.04
O4 GAL E . 9.22 17.95 9.78
O5 GAL E . 7.85 20.55 9.82
O6 GAL E . 6.33 17.45 8.38
C1 SIA E . 3.85 17.42 8.50
C2 SIA E . 5.12 17.37 7.57
C3 SIA E . 5.16 16.04 6.78
C4 SIA E . 4.11 16.01 5.66
C5 SIA E . 4.32 17.21 4.71
C6 SIA E . 4.20 18.51 5.54
C7 SIA E . 4.42 19.77 4.67
C8 SIA E . 4.44 21.04 5.55
C9 SIA E . 4.66 22.29 4.68
C10 SIA E . 3.60 17.37 2.30
C11 SIA E . 2.39 17.31 1.37
N5 SIA E . 3.31 17.20 3.61
O1A SIA E . 3.10 18.43 8.45
O1B SIA E . 3.68 16.45 9.28
O4 SIA E . 4.22 14.77 4.94
O6 SIA E . 5.17 18.51 6.63
O7 SIA E . 5.66 19.67 3.94
O8 SIA E . 3.22 21.17 6.28
O9 SIA E . 5.33 23.30 5.44
O10 SIA E . 4.73 17.57 1.86
#